data_3VWA
#
_entry.id   3VWA
#
_cell.length_a   34.056
_cell.length_b   182.222
_cell.length_c   112.440
_cell.angle_alpha   90.000
_cell.angle_beta   98.690
_cell.angle_gamma   90.000
#
_symmetry.space_group_name_H-M   'P 1 21 1'
#
loop_
_entity.id
_entity.type
_entity.pdbx_description
1 polymer 'Cytoplasmic export protein 1'
2 water water
#
_entity_poly.entity_id   1
_entity_poly.type   'polypeptide(L)'
_entity_poly.pdbx_seq_one_letter_code
;PLH(MSE)SISNFQFPYTIEETAITETALWQCFDGTRKADSLPVTVFKAKRSPENESLILNAVHKSKILKIPGLCTVLET
FDSDPQSTFIVTERVVPFPWDNLGSLSQNKFGVELGISQLLATLGFLKNFVLGTLSKDSVFINIKGEWVLFGLELCSSKE
GLSAFEFASRARSYYNIIGSQLPCEDPNTIDS(MSE)GLGLLIKSL(MSE)APSCLPKDWIVNVN(MSE)ISDGKITIEN
FRKRLENTETWRSNPLINFYQELRELHIKDPQGKLVV(MSE)SNLENLYLESREIFRNLTPG(MSE)IENFIIPELCEII
KLL(MSE)TQSISSAASPIG(MSE)NFNASHKLVPFLAIVLDLTSETNTFPVGFNDLITQSFKLPDRQVRFLLLIYLPKL
IGPLSKSEISSRIYPHFIQGLTDSDATLRLQTLKTIPCIVSCLTERQLNNELLRFLAKTQVDSDVEIRTWTVIIISKIST
ILSTSVGNRSNILATAFTKSLKDPQVKPRLAALYGLEKSIELFDVNTIANKILTVIAPGLLDKSPIVRGRAKILFEEYLE
KLEKEAQLIQTNDSTADSEDVKDIDFENYGCD
;
_entity_poly.pdbx_strand_id   A,B
#
# COMPACT_ATOMS: atom_id res chain seq x y z
N PRO A 1 40.01 -24.99 -57.06
CA PRO A 1 41.29 -25.21 -56.38
C PRO A 1 41.77 -26.65 -56.46
N LEU A 2 43.03 -26.85 -56.80
CA LEU A 2 43.67 -28.17 -56.89
C LEU A 2 43.89 -28.77 -55.53
N HIS A 3 44.48 -27.97 -54.64
CA HIS A 3 44.91 -28.46 -53.35
C HIS A 3 43.77 -28.82 -52.42
N SER A 5 41.73 -29.58 -49.06
CA SER A 5 41.53 -28.65 -47.94
C SER A 5 41.92 -29.27 -46.63
N ILE A 6 42.55 -28.46 -45.78
CA ILE A 6 42.73 -28.78 -44.36
C ILE A 6 41.38 -29.10 -43.66
N SER A 7 40.34 -28.28 -43.92
CA SER A 7 38.98 -28.54 -43.42
C SER A 7 38.32 -29.89 -43.82
N ASN A 8 38.72 -30.45 -44.96
CA ASN A 8 38.14 -31.70 -45.47
C ASN A 8 38.99 -32.93 -45.21
N PHE A 9 40.16 -32.72 -44.60
CA PHE A 9 41.12 -33.78 -44.27
C PHE A 9 41.39 -33.76 -42.78
N GLN A 10 40.90 -34.75 -42.04
CA GLN A 10 41.28 -34.94 -40.63
C GLN A 10 40.99 -33.75 -39.69
N PHE A 11 39.98 -32.94 -40.04
CA PHE A 11 39.67 -31.68 -39.33
C PHE A 11 38.89 -31.92 -38.03
N PRO A 12 39.37 -31.38 -36.91
CA PRO A 12 38.75 -31.64 -35.60
C PRO A 12 37.32 -31.05 -35.38
N TYR A 13 36.76 -30.31 -36.35
CA TYR A 13 35.50 -29.66 -36.11
C TYR A 13 34.61 -29.85 -37.31
N THR A 14 33.31 -29.86 -37.08
CA THR A 14 32.41 -29.76 -38.22
C THR A 14 31.97 -28.31 -38.35
N ILE A 15 31.68 -27.87 -39.56
CA ILE A 15 31.33 -26.47 -39.78
C ILE A 15 30.04 -26.44 -40.54
N GLU A 16 29.12 -25.63 -40.05
CA GLU A 16 27.88 -25.47 -40.78
C GLU A 16 28.12 -24.74 -42.09
N GLU A 17 27.19 -24.92 -43.02
CA GLU A 17 27.38 -24.57 -44.41
C GLU A 17 27.27 -23.07 -44.70
N THR A 18 26.41 -22.36 -43.97
CA THR A 18 26.20 -20.92 -44.20
C THR A 18 26.66 -20.07 -43.00
N ALA A 19 27.53 -19.07 -43.24
CA ALA A 19 28.02 -18.21 -42.19
C ALA A 19 26.86 -17.46 -41.58
N ILE A 20 26.95 -17.11 -40.30
CA ILE A 20 25.86 -16.41 -39.63
C ILE A 20 26.09 -14.90 -39.70
N THR A 21 27.37 -14.54 -39.76
CA THR A 21 27.82 -13.17 -39.99
C THR A 21 29.03 -13.28 -40.93
N GLU A 22 29.22 -12.22 -41.71
CA GLU A 22 30.27 -12.09 -42.68
C GLU A 22 30.80 -10.70 -42.49
N THR A 23 32.09 -10.51 -42.75
CA THR A 23 32.75 -9.21 -42.66
C THR A 23 33.73 -9.19 -43.82
N ALA A 24 34.41 -8.09 -44.06
CA ALA A 24 35.37 -8.07 -45.15
C ALA A 24 36.54 -9.02 -44.88
N LEU A 25 36.82 -9.32 -43.61
CA LEU A 25 37.99 -10.18 -43.30
C LEU A 25 37.70 -11.63 -42.86
N TRP A 26 36.46 -11.90 -42.45
CA TRP A 26 36.08 -13.15 -41.83
C TRP A 26 34.67 -13.52 -42.16
N GLN A 27 34.45 -14.82 -42.30
CA GLN A 27 33.10 -15.41 -42.15
C GLN A 27 32.98 -16.08 -40.80
N CYS A 28 31.82 -15.99 -40.19
CA CYS A 28 31.65 -16.57 -38.88
C CYS A 28 30.58 -17.66 -38.94
N PHE A 29 31.00 -18.88 -38.60
CA PHE A 29 30.17 -20.08 -38.75
C PHE A 29 29.96 -20.72 -37.39
N ASP A 30 28.75 -21.24 -37.10
CA ASP A 30 28.60 -22.22 -36.00
C ASP A 30 29.26 -23.55 -36.40
N GLY A 31 29.79 -24.26 -35.41
CA GLY A 31 30.35 -25.55 -35.60
C GLY A 31 30.23 -26.34 -34.32
N THR A 32 30.78 -27.54 -34.34
CA THR A 32 30.80 -28.40 -33.17
C THR A 32 32.14 -29.09 -33.24
N ARG A 33 32.74 -29.29 -32.08
CA ARG A 33 33.98 -30.05 -31.94
C ARG A 33 33.61 -31.54 -32.08
N LYS A 34 34.30 -32.25 -32.97
CA LYS A 34 33.86 -33.62 -33.34
C LYS A 34 33.91 -34.65 -32.23
N ALA A 35 35.10 -34.84 -31.66
CA ALA A 35 35.34 -35.85 -30.63
C ALA A 35 34.35 -35.67 -29.50
N ASP A 36 34.20 -34.41 -29.11
CA ASP A 36 33.36 -33.89 -28.03
C ASP A 36 31.86 -33.63 -28.29
N SER A 37 31.54 -33.26 -29.52
CA SER A 37 30.34 -32.47 -29.81
C SER A 37 30.21 -31.13 -28.99
N LEU A 38 31.31 -30.59 -28.45
CA LEU A 38 31.29 -29.22 -27.88
C LEU A 38 30.99 -28.14 -28.96
N PRO A 39 29.88 -27.36 -28.81
CA PRO A 39 29.56 -26.26 -29.72
C PRO A 39 30.68 -25.22 -29.81
N VAL A 40 31.08 -24.85 -31.01
CA VAL A 40 32.17 -23.90 -31.18
C VAL A 40 31.80 -22.91 -32.25
N THR A 41 32.58 -21.86 -32.35
CA THR A 41 32.39 -20.92 -33.45
C THR A 41 33.69 -20.92 -34.21
N VAL A 42 33.56 -21.02 -35.52
CA VAL A 42 34.67 -21.07 -36.44
C VAL A 42 34.73 -19.76 -37.25
N PHE A 43 35.81 -19.01 -37.09
CA PHE A 43 36.04 -17.83 -37.91
C PHE A 43 36.96 -18.21 -39.09
N LYS A 44 36.40 -18.03 -40.28
CA LYS A 44 37.10 -18.39 -41.50
C LYS A 44 37.55 -17.10 -42.15
N ALA A 45 38.87 -16.95 -42.31
CA ALA A 45 39.50 -15.79 -42.94
C ALA A 45 39.23 -15.72 -44.42
N LYS A 46 38.93 -14.50 -44.85
CA LYS A 46 38.82 -14.21 -46.26
C LYS A 46 40.22 -13.85 -46.69
N ARG A 47 41.09 -14.85 -46.71
CA ARG A 47 42.52 -14.61 -46.89
C ARG A 47 42.87 -14.25 -48.32
N SER A 48 43.65 -13.21 -48.47
CA SER A 48 44.03 -12.75 -49.79
C SER A 48 45.39 -12.10 -49.63
N PRO A 49 46.07 -11.83 -50.75
CA PRO A 49 47.36 -11.14 -50.71
C PRO A 49 47.37 -9.80 -49.92
N GLU A 50 46.33 -8.99 -50.07
CA GLU A 50 46.26 -7.70 -49.37
C GLU A 50 45.98 -7.77 -47.85
N ASN A 51 45.17 -8.71 -47.38
CA ASN A 51 44.89 -8.75 -45.96
C ASN A 51 45.73 -9.78 -45.20
N GLU A 52 46.58 -10.50 -45.93
CA GLU A 52 47.30 -11.64 -45.38
C GLU A 52 48.06 -11.31 -44.08
N SER A 53 48.71 -10.16 -44.02
CA SER A 53 49.39 -9.80 -42.77
C SER A 53 48.46 -9.55 -41.56
N LEU A 54 47.31 -8.95 -41.85
CA LEU A 54 46.27 -8.70 -40.86
C LEU A 54 45.74 -10.06 -40.31
N ILE A 55 45.39 -10.95 -41.25
CA ILE A 55 44.92 -12.30 -40.96
C ILE A 55 45.91 -13.11 -40.12
N LEU A 56 47.20 -13.05 -40.48
CA LEU A 56 48.29 -13.78 -39.76
C LEU A 56 48.59 -13.23 -38.35
N ASN A 57 48.56 -11.91 -38.20
CA ASN A 57 48.72 -11.33 -36.87
C ASN A 57 47.54 -11.78 -35.98
N ALA A 58 46.31 -11.72 -36.52
CA ALA A 58 45.14 -12.18 -35.78
C ALA A 58 45.28 -13.60 -35.33
N VAL A 59 45.60 -14.52 -36.23
CA VAL A 59 45.92 -15.88 -35.82
C VAL A 59 46.92 -15.95 -34.67
N HIS A 60 48.01 -15.20 -34.78
CA HIS A 60 49.11 -15.29 -33.81
C HIS A 60 48.68 -14.78 -32.45
N LYS A 61 48.04 -13.62 -32.45
CA LYS A 61 47.52 -13.07 -31.18
C LYS A 61 46.46 -13.96 -30.54
N SER A 62 45.56 -14.51 -31.33
CA SER A 62 44.63 -15.54 -30.83
C SER A 62 45.38 -16.64 -30.09
N LYS A 63 46.43 -17.18 -30.71
CA LYS A 63 47.21 -18.27 -30.13
C LYS A 63 47.85 -17.84 -28.83
N ILE A 64 48.41 -16.64 -28.78
CA ILE A 64 49.23 -16.26 -27.63
C ILE A 64 48.54 -15.43 -26.54
N LEU A 65 47.46 -14.73 -26.88
CA LEU A 65 46.87 -13.84 -25.87
C LEU A 65 45.84 -14.57 -24.99
N LYS A 66 46.04 -14.51 -23.67
CA LYS A 66 45.18 -15.18 -22.71
C LYS A 66 44.50 -14.09 -21.91
N ILE A 67 43.46 -13.51 -22.50
CA ILE A 67 42.88 -12.31 -21.91
C ILE A 67 41.43 -12.67 -21.65
N PRO A 68 41.06 -12.69 -20.37
CA PRO A 68 39.67 -12.86 -20.05
C PRO A 68 38.92 -11.69 -20.72
N GLY A 69 37.85 -12.00 -21.43
CA GLY A 69 37.12 -10.98 -22.16
C GLY A 69 37.26 -11.07 -23.66
N LEU A 70 38.37 -11.62 -24.17
CA LEU A 70 38.37 -12.02 -25.60
C LEU A 70 37.60 -13.32 -25.84
N CYS A 71 37.15 -13.53 -27.07
CA CYS A 71 36.63 -14.85 -27.43
C CYS A 71 37.69 -15.94 -27.06
N THR A 72 37.29 -16.96 -26.32
CA THR A 72 38.29 -17.89 -25.72
C THR A 72 38.68 -18.84 -26.86
N VAL A 73 39.95 -18.76 -27.31
CA VAL A 73 40.30 -19.46 -28.52
C VAL A 73 40.61 -20.91 -28.19
N LEU A 74 40.18 -21.83 -29.05
CA LEU A 74 40.42 -23.26 -28.81
C LEU A 74 41.57 -23.75 -29.67
N GLU A 75 41.58 -23.37 -30.94
CA GLU A 75 42.65 -23.78 -31.83
C GLU A 75 42.73 -22.87 -33.05
N THR A 76 43.92 -22.74 -33.66
CA THR A 76 44.11 -22.02 -34.91
C THR A 76 44.72 -22.89 -36.04
N PHE A 77 44.43 -22.50 -37.29
CA PHE A 77 44.94 -23.15 -38.54
C PHE A 77 45.30 -22.08 -39.56
N ASP A 78 46.52 -22.12 -40.12
CA ASP A 78 46.95 -21.10 -41.10
C ASP A 78 47.81 -21.66 -42.26
N SER A 79 47.97 -22.97 -42.31
CA SER A 79 48.72 -23.61 -43.41
C SER A 79 48.12 -23.37 -44.78
N ASP A 80 46.81 -23.46 -44.83
CA ASP A 80 46.01 -23.42 -46.03
C ASP A 80 45.19 -22.10 -45.95
N PRO A 81 45.42 -21.17 -46.90
CA PRO A 81 44.51 -20.01 -47.01
C PRO A 81 43.22 -20.65 -47.48
N GLN A 82 42.08 -20.01 -47.32
CA GLN A 82 40.82 -20.77 -47.56
C GLN A 82 40.62 -22.03 -46.65
N SER A 83 41.62 -22.45 -45.88
CA SER A 83 41.37 -23.19 -44.61
C SER A 83 42.00 -22.45 -43.41
N THR A 84 41.94 -21.13 -43.42
CA THR A 84 42.54 -20.34 -42.33
C THR A 84 41.47 -20.01 -41.28
N PHE A 85 41.60 -20.62 -40.11
CA PHE A 85 40.57 -20.56 -39.07
C PHE A 85 41.09 -20.13 -37.73
N ILE A 86 40.20 -19.49 -36.98
CA ILE A 86 40.30 -19.33 -35.54
C ILE A 86 39.03 -19.97 -34.96
N VAL A 87 39.24 -20.97 -34.12
CA VAL A 87 38.12 -21.70 -33.54
C VAL A 87 37.99 -21.34 -32.06
N THR A 88 36.79 -20.89 -31.68
CA THR A 88 36.60 -20.33 -30.29
C THR A 88 35.46 -21.01 -29.65
N GLU A 89 35.25 -20.75 -28.36
CA GLU A 89 33.97 -21.14 -27.74
C GLU A 89 32.78 -20.57 -28.57
N ARG A 90 31.65 -21.21 -28.49
CA ARG A 90 30.53 -20.75 -29.24
C ARG A 90 30.23 -19.32 -28.79
N VAL A 91 30.27 -18.41 -29.73
CA VAL A 91 29.84 -17.05 -29.48
C VAL A 91 28.73 -16.65 -30.45
N VAL A 92 28.08 -15.54 -30.12
CA VAL A 92 26.94 -14.97 -30.86
C VAL A 92 27.33 -13.53 -31.16
N PRO A 93 27.25 -13.14 -32.43
CA PRO A 93 27.58 -11.73 -32.66
C PRO A 93 26.49 -10.80 -32.10
N PHE A 94 26.89 -9.70 -31.51
CA PHE A 94 25.97 -8.79 -30.92
C PHE A 94 24.85 -8.45 -31.89
N PRO A 95 23.59 -8.57 -31.44
CA PRO A 95 22.40 -8.32 -32.31
C PRO A 95 22.11 -6.83 -32.42
N TRP A 96 22.87 -6.18 -33.29
CA TRP A 96 22.67 -4.73 -33.50
C TRP A 96 21.29 -4.46 -34.03
N ASP A 97 20.78 -5.34 -34.88
CA ASP A 97 19.40 -5.27 -35.38
C ASP A 97 18.36 -5.33 -34.27
N ASN A 98 18.82 -5.52 -33.03
CA ASN A 98 17.87 -5.61 -31.93
C ASN A 98 18.26 -4.66 -30.83
N LEU A 99 19.19 -3.78 -31.14
CA LEU A 99 19.70 -2.87 -30.14
C LEU A 99 18.52 -2.11 -29.57
N GLY A 100 17.49 -1.93 -30.40
CA GLY A 100 16.31 -1.12 -30.02
C GLY A 100 15.66 -1.75 -28.83
N SER A 101 15.53 -3.06 -28.86
CA SER A 101 15.04 -3.78 -27.71
C SER A 101 15.95 -3.68 -26.53
N LEU A 102 17.24 -3.99 -26.70
CA LEU A 102 18.17 -4.15 -25.55
C LEU A 102 18.40 -2.83 -24.85
N SER A 103 18.33 -1.74 -25.63
CA SER A 103 18.42 -0.33 -25.19
C SER A 103 17.38 -0.02 -24.14
N GLN A 104 16.26 -0.74 -24.19
CA GLN A 104 15.19 -0.56 -23.20
C GLN A 104 15.60 -0.91 -21.77
N ASN A 105 16.58 -1.78 -21.59
CA ASN A 105 17.12 -2.07 -20.24
C ASN A 105 18.48 -1.42 -20.13
N LYS A 106 18.48 -0.16 -19.68
CA LYS A 106 19.74 0.57 -19.63
C LYS A 106 20.76 -0.14 -18.72
N PHE A 107 20.30 -0.84 -17.68
CA PHE A 107 21.22 -1.50 -16.76
C PHE A 107 21.95 -2.61 -17.50
N GLY A 108 21.24 -3.27 -18.42
CA GLY A 108 21.81 -4.26 -19.34
C GLY A 108 22.98 -3.74 -20.12
N VAL A 109 22.74 -2.62 -20.84
CA VAL A 109 23.69 -2.04 -21.79
C VAL A 109 24.90 -1.61 -20.96
N GLU A 110 24.66 -1.02 -19.79
CA GLU A 110 25.71 -0.55 -18.93
C GLU A 110 26.54 -1.74 -18.38
N LEU A 111 25.87 -2.81 -18.01
CA LEU A 111 26.53 -4.06 -17.62
C LEU A 111 27.45 -4.58 -18.72
N GLY A 112 27.00 -4.60 -19.98
CA GLY A 112 27.86 -5.10 -21.07
C GLY A 112 29.06 -4.21 -21.27
N ILE A 113 28.82 -2.91 -21.21
CA ILE A 113 29.92 -1.94 -21.31
C ILE A 113 30.95 -2.19 -20.22
N SER A 114 30.48 -2.49 -19.01
CA SER A 114 31.39 -2.81 -17.90
C SER A 114 32.22 -4.09 -18.16
N GLN A 115 31.65 -5.05 -18.91
CA GLN A 115 32.39 -6.25 -19.24
C GLN A 115 33.45 -5.94 -20.28
N LEU A 116 33.15 -5.03 -21.22
CA LEU A 116 34.11 -4.65 -22.26
C LEU A 116 35.27 -3.86 -21.64
N LEU A 117 34.96 -3.06 -20.62
CA LEU A 117 35.97 -2.31 -19.89
C LEU A 117 36.92 -3.21 -19.08
N ALA A 118 36.43 -4.26 -18.43
CA ALA A 118 37.38 -5.10 -17.69
C ALA A 118 38.36 -5.75 -18.70
N THR A 119 37.86 -6.11 -19.88
CA THR A 119 38.70 -6.71 -20.90
C THR A 119 39.77 -5.76 -21.45
N LEU A 120 39.36 -4.53 -21.75
CA LEU A 120 40.29 -3.48 -22.17
C LEU A 120 41.28 -3.08 -21.06
N GLY A 121 40.93 -3.37 -19.82
CA GLY A 121 41.88 -3.25 -18.70
C GLY A 121 42.98 -4.32 -18.73
N PHE A 122 42.64 -5.55 -19.10
CA PHE A 122 43.64 -6.61 -19.25
C PHE A 122 44.50 -6.35 -20.49
N LEU A 123 43.96 -5.60 -21.44
CA LEU A 123 44.65 -5.35 -22.68
C LEU A 123 45.53 -4.12 -22.66
N LYS A 124 45.65 -3.46 -21.51
CA LYS A 124 46.19 -2.08 -21.49
C LYS A 124 47.63 -1.90 -22.00
N ASN A 125 48.44 -2.95 -21.84
CA ASN A 125 49.79 -3.04 -22.42
C ASN A 125 49.78 -3.24 -23.94
N PHE A 126 48.62 -3.56 -24.50
CA PHE A 126 48.53 -3.81 -25.95
C PHE A 126 47.76 -2.68 -26.62
N VAL A 127 47.91 -2.55 -27.94
CA VAL A 127 47.00 -1.73 -28.74
C VAL A 127 46.07 -2.71 -29.42
N LEU A 128 44.80 -2.34 -29.53
CA LEU A 128 43.80 -3.23 -30.12
C LEU A 128 43.56 -2.72 -31.50
N GLY A 129 43.09 -1.46 -31.58
CA GLY A 129 43.05 -0.72 -32.82
C GLY A 129 41.85 -0.94 -33.70
N THR A 130 41.12 -2.02 -33.43
CA THR A 130 40.03 -2.48 -34.30
C THR A 130 38.61 -2.36 -33.66
N LEU A 131 38.49 -1.68 -32.52
CA LEU A 131 37.18 -1.56 -31.83
C LEU A 131 36.06 -1.04 -32.72
N SER A 132 34.99 -1.81 -32.87
CA SER A 132 33.92 -1.42 -33.76
C SER A 132 32.69 -2.26 -33.43
N LYS A 133 31.62 -2.10 -34.17
CA LYS A 133 30.45 -2.86 -33.89
C LYS A 133 30.73 -4.33 -34.14
N ASP A 134 31.63 -4.57 -35.08
CA ASP A 134 32.01 -5.90 -35.47
C ASP A 134 32.88 -6.57 -34.42
N SER A 135 33.42 -5.79 -33.49
CA SER A 135 34.20 -6.40 -32.44
C SER A 135 33.38 -7.27 -31.49
N VAL A 136 32.04 -7.06 -31.42
CA VAL A 136 31.35 -7.48 -30.20
C VAL A 136 30.59 -8.78 -30.31
N PHE A 137 30.93 -9.71 -29.39
CA PHE A 137 30.21 -10.98 -29.35
C PHE A 137 29.74 -11.25 -27.94
N ILE A 138 28.80 -12.17 -27.85
CA ILE A 138 28.28 -12.66 -26.56
C ILE A 138 28.65 -14.13 -26.36
N ASN A 139 29.16 -14.50 -25.19
CA ASN A 139 29.40 -15.92 -24.98
C ASN A 139 28.13 -16.63 -24.55
N ILE A 140 28.19 -17.93 -24.18
CA ILE A 140 26.95 -18.63 -23.74
C ILE A 140 26.38 -18.07 -22.42
N LYS A 141 27.19 -17.40 -21.62
CA LYS A 141 26.72 -16.86 -20.35
C LYS A 141 26.29 -15.41 -20.49
N GLY A 142 26.13 -14.95 -21.73
CA GLY A 142 25.50 -13.64 -21.98
C GLY A 142 26.47 -12.47 -21.77
N GLU A 143 27.74 -12.79 -21.55
CA GLU A 143 28.74 -11.80 -21.24
C GLU A 143 29.34 -11.34 -22.56
N TRP A 144 29.73 -10.07 -22.57
CA TRP A 144 30.18 -9.45 -23.82
C TRP A 144 31.63 -9.71 -23.95
N VAL A 145 32.01 -10.34 -25.07
CA VAL A 145 33.40 -10.69 -25.44
C VAL A 145 33.91 -10.04 -26.78
N LEU A 146 35.23 -9.96 -26.96
CA LEU A 146 35.82 -9.19 -28.05
C LEU A 146 36.55 -10.05 -29.06
N PHE A 147 36.36 -9.69 -30.31
CA PHE A 147 37.02 -10.34 -31.37
C PHE A 147 37.79 -9.33 -32.22
N GLY A 148 38.78 -9.82 -32.97
CA GLY A 148 39.42 -8.97 -33.97
C GLY A 148 40.76 -8.44 -33.57
N LEU A 149 41.75 -9.27 -33.81
CA LEU A 149 43.07 -9.10 -33.28
C LEU A 149 44.04 -8.75 -34.45
N GLU A 150 43.47 -8.39 -35.60
CA GLU A 150 44.25 -8.07 -36.82
C GLU A 150 45.40 -7.07 -36.62
N LEU A 151 45.14 -6.03 -35.84
CA LEU A 151 46.10 -4.95 -35.65
C LEU A 151 46.83 -5.07 -34.31
N CYS A 152 46.43 -6.04 -33.50
CA CYS A 152 46.87 -6.10 -32.13
C CYS A 152 48.37 -6.32 -31.99
N SER A 153 48.99 -5.45 -31.20
CA SER A 153 50.42 -5.56 -30.85
C SER A 153 50.70 -4.93 -29.45
N SER A 154 51.84 -5.33 -28.89
CA SER A 154 52.32 -4.82 -27.63
C SER A 154 52.79 -3.37 -27.75
N LYS A 155 52.62 -2.59 -26.71
CA LYS A 155 53.02 -1.20 -26.80
C LYS A 155 54.55 -1.09 -26.65
N GLU A 156 55.16 -2.08 -25.98
CA GLU A 156 56.60 -2.00 -25.69
C GLU A 156 57.43 -2.18 -26.95
N GLY A 157 58.22 -1.15 -27.25
CA GLY A 157 59.10 -1.15 -28.41
C GLY A 157 58.27 -1.12 -29.67
N LEU A 158 57.40 -0.13 -29.77
CA LEU A 158 56.43 -0.12 -30.84
C LEU A 158 56.53 1.18 -31.59
N SER A 159 56.73 1.03 -32.89
CA SER A 159 56.90 2.17 -33.75
C SER A 159 55.51 2.65 -34.17
N ALA A 160 55.17 3.86 -33.72
CA ALA A 160 53.98 4.55 -34.15
C ALA A 160 53.84 4.52 -35.67
N PHE A 161 54.97 4.79 -36.33
CA PHE A 161 55.00 4.88 -37.79
C PHE A 161 54.54 3.55 -38.41
N GLU A 162 55.14 2.47 -37.96
CA GLU A 162 54.85 1.12 -38.44
C GLU A 162 53.34 0.77 -38.26
N PHE A 163 52.83 1.05 -37.06
CA PHE A 163 51.45 0.74 -36.72
C PHE A 163 50.44 1.54 -37.57
N ALA A 164 50.73 2.81 -37.77
CA ALA A 164 49.91 3.67 -38.60
C ALA A 164 49.66 3.12 -40.02
N SER A 165 50.64 2.44 -40.63
CA SER A 165 50.46 1.91 -42.00
C SER A 165 49.49 0.72 -42.01
N ARG A 166 49.74 -0.21 -41.08
CA ARG A 166 48.82 -1.30 -40.81
C ARG A 166 47.44 -0.75 -40.54
N ALA A 167 47.36 0.19 -39.61
CA ALA A 167 46.09 0.76 -39.27
C ALA A 167 45.37 1.37 -40.47
N ARG A 168 46.10 2.13 -41.30
CA ARG A 168 45.60 2.61 -42.57
C ARG A 168 45.14 1.47 -43.51
N SER A 169 45.96 0.43 -43.67
CA SER A 169 45.55 -0.63 -44.62
C SER A 169 44.29 -1.35 -44.08
N TYR A 170 44.30 -1.65 -42.77
CA TYR A 170 43.13 -2.27 -42.11
C TYR A 170 41.83 -1.48 -42.35
N TYR A 171 41.85 -0.21 -42.01
CA TYR A 171 40.68 0.66 -42.19
C TYR A 171 40.27 0.85 -43.65
N ASN A 172 41.26 0.84 -44.56
CA ASN A 172 40.98 0.86 -46.00
C ASN A 172 40.29 -0.42 -46.48
N ILE A 173 40.73 -1.57 -45.96
CA ILE A 173 40.13 -2.85 -46.31
C ILE A 173 38.70 -2.85 -45.81
N ILE A 174 38.51 -2.50 -44.54
CA ILE A 174 37.17 -2.51 -43.97
C ILE A 174 36.26 -1.40 -44.49
N GLY A 175 36.81 -0.44 -45.24
CA GLY A 175 35.99 0.61 -45.86
C GLY A 175 35.38 1.42 -44.74
N SER A 176 36.24 1.81 -43.80
CA SER A 176 35.84 2.49 -42.59
C SER A 176 36.81 3.63 -42.27
N GLN A 177 36.31 4.56 -41.47
CA GLN A 177 37.07 5.71 -41.03
C GLN A 177 38.11 5.37 -39.94
N LEU A 178 39.39 5.57 -40.25
CA LEU A 178 40.44 5.40 -39.27
C LEU A 178 40.31 6.50 -38.23
N PRO A 179 40.09 6.13 -36.96
CA PRO A 179 39.87 7.14 -35.90
C PRO A 179 41.09 8.03 -35.69
N CYS A 180 42.28 7.47 -35.87
CA CYS A 180 43.51 8.26 -35.74
C CYS A 180 44.68 7.35 -36.04
N GLU A 181 45.87 7.94 -36.03
CA GLU A 181 47.08 7.18 -36.31
C GLU A 181 47.87 6.95 -35.04
N ASP A 182 47.40 7.56 -33.97
CA ASP A 182 48.11 7.45 -32.73
C ASP A 182 47.69 6.15 -32.05
N PRO A 183 48.64 5.23 -31.88
CA PRO A 183 48.47 3.98 -31.12
C PRO A 183 48.09 4.19 -29.66
N ASN A 184 48.32 5.38 -29.13
CA ASN A 184 48.12 5.61 -27.70
C ASN A 184 46.76 6.14 -27.40
N THR A 185 46.07 6.54 -28.47
CA THR A 185 44.78 7.15 -28.38
C THR A 185 43.78 6.44 -29.30
N ILE A 186 44.25 5.54 -30.16
CA ILE A 186 43.30 4.85 -31.04
C ILE A 186 42.24 4.02 -30.26
N ASP A 187 42.65 3.34 -29.19
CA ASP A 187 41.67 2.53 -28.46
C ASP A 187 40.60 3.36 -27.71
N SER A 188 41.03 4.39 -26.96
CA SER A 188 40.12 5.36 -26.35
C SER A 188 39.12 5.94 -27.33
N GLY A 190 38.25 4.62 -30.27
CA GLY A 190 37.40 3.54 -30.76
C GLY A 190 36.37 3.10 -29.73
N LEU A 191 36.75 3.17 -28.46
CA LEU A 191 35.82 2.86 -27.36
C LEU A 191 34.66 3.87 -27.32
N GLY A 192 34.98 5.17 -27.47
CA GLY A 192 33.95 6.23 -27.53
C GLY A 192 32.92 6.00 -28.64
N LEU A 193 33.40 5.80 -29.86
CA LEU A 193 32.51 5.44 -30.96
C LEU A 193 31.55 4.28 -30.61
N LEU A 194 32.08 3.19 -30.04
CA LEU A 194 31.27 2.01 -29.68
C LEU A 194 30.21 2.30 -28.65
N ILE A 195 30.61 2.98 -27.58
CA ILE A 195 29.66 3.36 -26.53
C ILE A 195 28.59 4.27 -27.09
N LYS A 196 28.97 5.19 -27.96
CA LYS A 196 27.96 6.07 -28.58
C LYS A 196 27.04 5.26 -29.45
N SER A 197 27.57 4.22 -30.11
CA SER A 197 26.70 3.37 -30.95
C SER A 197 25.77 2.50 -30.10
N LEU A 198 26.23 2.12 -28.91
CA LEU A 198 25.42 1.32 -27.99
C LEU A 198 24.28 2.10 -27.37
N ALA A 200 22.22 5.70 -27.62
CA ALA A 200 21.83 6.99 -28.26
C ALA A 200 21.87 8.19 -27.27
N PRO A 201 22.24 9.41 -27.77
CA PRO A 201 22.45 10.60 -26.89
C PRO A 201 21.33 10.95 -25.89
N SER A 202 20.11 10.48 -26.13
CA SER A 202 19.02 10.61 -25.15
C SER A 202 18.92 9.44 -24.14
N CYS A 203 19.74 8.40 -24.33
CA CYS A 203 19.84 7.26 -23.41
C CYS A 203 21.19 7.15 -22.67
N LEU A 204 22.14 8.03 -23.01
CA LEU A 204 23.44 8.08 -22.39
C LEU A 204 23.31 8.78 -21.06
N PRO A 205 23.88 8.21 -19.99
CA PRO A 205 23.78 8.82 -18.69
C PRO A 205 24.35 10.24 -18.74
N LYS A 206 23.64 11.17 -18.10
CA LYS A 206 24.07 12.56 -17.96
C LYS A 206 25.47 12.59 -17.41
N ASP A 207 25.69 11.83 -16.33
CA ASP A 207 26.99 11.82 -15.66
C ASP A 207 28.06 11.01 -16.41
N TRP A 208 27.71 10.51 -17.59
CA TRP A 208 28.72 9.88 -18.45
C TRP A 208 29.03 10.71 -19.65
N ILE A 209 28.27 11.79 -19.86
CA ILE A 209 28.45 12.56 -21.09
C ILE A 209 29.89 13.04 -21.29
N VAL A 210 30.50 13.56 -20.23
CA VAL A 210 31.77 14.23 -20.46
C VAL A 210 32.83 13.19 -20.61
N ASN A 211 32.79 12.18 -19.74
CA ASN A 211 33.76 11.11 -19.79
C ASN A 211 33.82 10.48 -21.19
N VAL A 212 32.67 10.15 -21.76
CA VAL A 212 32.61 9.54 -23.09
C VAL A 212 33.20 10.45 -24.17
N ASN A 213 32.96 11.76 -24.03
CA ASN A 213 33.49 12.74 -24.97
C ASN A 213 34.99 12.79 -24.93
N ILE A 215 37.11 10.34 -24.09
CA ILE A 215 37.71 9.20 -24.77
C ILE A 215 37.44 9.28 -26.26
N SER A 216 36.32 9.89 -26.62
CA SER A 216 35.92 10.01 -28.03
C SER A 216 36.91 10.87 -28.81
N ASP A 217 37.55 11.80 -28.11
CA ASP A 217 38.57 12.67 -28.67
C ASP A 217 39.95 12.26 -28.24
N GLY A 218 40.07 11.11 -27.58
CA GLY A 218 41.36 10.53 -27.24
C GLY A 218 42.15 11.34 -26.22
N LYS A 219 41.44 12.12 -25.41
CA LYS A 219 42.10 12.92 -24.41
C LYS A 219 42.56 12.07 -23.24
N ILE A 220 41.81 11.04 -22.85
CA ILE A 220 42.19 10.24 -21.67
C ILE A 220 42.30 8.74 -21.96
N THR A 221 42.97 8.02 -21.07
CA THR A 221 43.15 6.58 -21.28
C THR A 221 41.89 5.79 -20.92
N ILE A 222 41.83 4.55 -21.41
CA ILE A 222 40.72 3.69 -21.10
C ILE A 222 40.68 3.47 -19.60
N GLU A 223 41.82 3.10 -19.01
CA GLU A 223 41.87 2.85 -17.56
C GLU A 223 41.43 4.10 -16.77
N ASN A 224 41.74 5.27 -17.31
CA ASN A 224 41.37 6.52 -16.64
C ASN A 224 39.88 6.68 -16.76
N PHE A 225 39.34 6.43 -17.95
CA PHE A 225 37.90 6.50 -18.22
C PHE A 225 37.14 5.56 -17.31
N ARG A 226 37.74 4.40 -17.06
CA ARG A 226 37.14 3.38 -16.22
C ARG A 226 36.96 3.84 -14.73
N LYS A 227 38.01 4.39 -14.13
CA LYS A 227 37.94 4.90 -12.76
C LYS A 227 36.92 6.03 -12.59
N ARG A 228 36.66 6.81 -13.66
CA ARG A 228 35.73 7.94 -13.56
C ARG A 228 34.31 7.43 -13.51
N LEU A 229 34.02 6.54 -14.45
CA LEU A 229 32.74 5.91 -14.59
C LEU A 229 32.40 5.11 -13.33
N GLU A 230 33.39 4.37 -12.83
CA GLU A 230 33.20 3.58 -11.62
C GLU A 230 32.77 4.45 -10.44
N ASN A 231 33.13 5.72 -10.53
CA ASN A 231 32.78 6.67 -9.49
C ASN A 231 31.42 7.31 -9.63
N THR A 232 30.82 7.22 -10.81
CA THR A 232 29.61 7.99 -11.04
C THR A 232 28.42 7.35 -10.33
N GLU A 233 27.37 8.14 -10.15
CA GLU A 233 26.16 7.66 -9.50
C GLU A 233 25.53 6.54 -10.33
N THR A 234 25.57 6.68 -11.66
CA THR A 234 25.01 5.68 -12.58
C THR A 234 25.59 4.29 -12.35
N TRP A 235 26.92 4.25 -12.38
CA TRP A 235 27.62 3.02 -12.17
C TRP A 235 27.26 2.34 -10.87
N ARG A 236 27.14 3.11 -9.78
CA ARG A 236 27.01 2.57 -8.43
C ARG A 236 25.57 2.23 -8.15
N SER A 237 24.66 2.90 -8.87
CA SER A 237 23.21 2.61 -8.87
C SER A 237 22.84 1.30 -9.61
N ASN A 238 23.69 0.87 -10.56
CA ASN A 238 23.32 -0.23 -11.41
C ASN A 238 23.33 -1.51 -10.58
N PRO A 239 22.15 -2.08 -10.31
CA PRO A 239 22.02 -3.28 -9.52
C PRO A 239 22.51 -4.51 -10.29
N LEU A 240 22.56 -4.45 -11.60
CA LEU A 240 23.07 -5.60 -12.36
C LEU A 240 24.60 -5.61 -12.29
N ILE A 241 25.25 -4.45 -12.27
CA ILE A 241 26.69 -4.44 -12.18
C ILE A 241 27.16 -5.15 -10.88
N ASN A 242 26.52 -4.79 -9.75
CA ASN A 242 26.82 -5.44 -8.48
C ASN A 242 26.40 -6.91 -8.46
N PHE A 243 25.22 -7.21 -8.98
CA PHE A 243 24.80 -8.59 -8.87
C PHE A 243 25.71 -9.55 -9.68
N TYR A 244 26.16 -9.09 -10.83
CA TYR A 244 27.00 -9.82 -11.68
C TYR A 244 28.36 -10.14 -10.97
N GLN A 245 28.90 -9.20 -10.25
CA GLN A 245 30.09 -9.45 -9.46
C GLN A 245 29.91 -10.58 -8.41
N GLU A 246 28.76 -10.59 -7.72
CA GLU A 246 28.40 -11.68 -6.81
C GLU A 246 28.33 -13.00 -7.56
N LEU A 247 27.64 -12.99 -8.70
CA LEU A 247 27.42 -14.17 -9.48
C LEU A 247 28.73 -14.80 -9.91
N ARG A 248 29.61 -13.99 -10.49
CA ARG A 248 30.93 -14.42 -10.91
C ARG A 248 31.77 -15.05 -9.83
N GLU A 249 31.51 -14.68 -8.57
CA GLU A 249 32.28 -15.14 -7.43
C GLU A 249 31.55 -16.25 -6.72
N LEU A 250 30.43 -16.66 -7.29
CA LEU A 250 29.59 -17.63 -6.63
C LEU A 250 30.39 -18.84 -6.13
N HIS A 251 31.29 -19.39 -6.94
CA HIS A 251 31.95 -20.61 -6.54
C HIS A 251 33.13 -20.48 -5.63
N ILE A 252 33.43 -19.28 -5.17
CA ILE A 252 34.39 -19.15 -4.12
C ILE A 252 33.73 -18.88 -2.79
N LYS A 253 32.41 -18.79 -2.77
CA LYS A 253 31.72 -18.55 -1.53
C LYS A 253 31.40 -19.89 -0.87
N ASP A 254 31.30 -19.87 0.43
CA ASP A 254 30.75 -21.00 1.18
C ASP A 254 29.21 -21.14 0.97
N PRO A 255 28.54 -22.25 1.48
CA PRO A 255 27.11 -22.41 1.07
C PRO A 255 26.13 -21.31 1.59
N GLN A 256 26.44 -20.73 2.71
CA GLN A 256 25.61 -19.65 3.23
C GLN A 256 25.78 -18.37 2.39
N GLY A 257 27.01 -18.18 1.90
CA GLY A 257 27.39 -17.12 1.04
C GLY A 257 26.67 -17.19 -0.31
N LYS A 258 26.66 -18.36 -0.92
CA LYS A 258 25.90 -18.60 -2.15
C LYS A 258 24.40 -18.33 -2.05
N LEU A 259 23.84 -18.80 -0.94
CA LEU A 259 22.47 -18.58 -0.58
C LEU A 259 22.14 -17.09 -0.45
N VAL A 260 23.06 -16.28 0.08
CA VAL A 260 22.82 -14.84 0.09
C VAL A 260 22.70 -14.25 -1.35
N VAL A 261 23.60 -14.67 -2.23
CA VAL A 261 23.57 -14.27 -3.65
C VAL A 261 22.22 -14.56 -4.28
N SER A 263 19.46 -15.11 -2.48
CA SER A 263 18.57 -14.17 -1.77
C SER A 263 18.56 -12.75 -2.34
N ASN A 264 19.73 -12.28 -2.74
CA ASN A 264 19.83 -11.00 -3.42
C ASN A 264 19.11 -11.06 -4.77
N LEU A 265 19.27 -12.19 -5.46
CA LEU A 265 18.61 -12.36 -6.76
C LEU A 265 17.11 -12.30 -6.55
N GLU A 266 16.61 -13.00 -5.54
CA GLU A 266 15.20 -12.98 -5.27
C GLU A 266 14.62 -11.58 -4.98
N ASN A 267 15.36 -10.72 -4.27
CA ASN A 267 14.80 -9.41 -3.85
C ASN A 267 14.73 -8.46 -5.03
N LEU A 268 15.76 -8.53 -5.86
CA LEU A 268 15.74 -7.84 -7.13
C LEU A 268 14.63 -8.30 -8.08
N TYR A 269 14.39 -9.62 -8.10
CA TYR A 269 13.24 -10.16 -8.86
C TYR A 269 11.88 -9.68 -8.35
N LEU A 270 11.70 -9.65 -7.02
CA LEU A 270 10.51 -9.07 -6.40
C LEU A 270 10.36 -7.51 -6.58
N GLU A 271 11.44 -6.76 -6.32
CA GLU A 271 11.37 -5.30 -6.28
C GLU A 271 11.54 -4.62 -7.66
N SER A 272 12.24 -5.28 -8.60
CA SER A 272 12.50 -4.77 -9.98
C SER A 272 12.60 -5.89 -10.99
N ARG A 273 11.51 -6.60 -11.10
CA ARG A 273 11.38 -7.61 -12.16
C ARG A 273 11.93 -7.15 -13.51
N GLU A 274 11.67 -5.88 -13.86
CA GLU A 274 12.01 -5.37 -15.21
C GLU A 274 13.51 -5.45 -15.50
N ILE A 275 14.33 -5.46 -14.47
CA ILE A 275 15.75 -5.39 -14.76
C ILE A 275 16.27 -6.71 -15.38
N PHE A 276 15.47 -7.75 -15.35
CA PHE A 276 15.87 -9.01 -15.96
C PHE A 276 15.22 -9.19 -17.35
N ARG A 277 14.66 -8.12 -17.92
CA ARG A 277 14.03 -8.26 -19.27
C ARG A 277 14.86 -7.51 -20.23
N ASN A 278 14.82 -7.92 -21.51
CA ASN A 278 15.55 -7.24 -22.59
C ASN A 278 17.04 -7.26 -22.32
N LEU A 279 17.52 -8.34 -21.68
CA LEU A 279 18.96 -8.53 -21.56
C LEU A 279 19.53 -9.33 -22.73
N THR A 280 20.82 -9.19 -23.05
CA THR A 280 21.42 -10.14 -24.03
C THR A 280 21.25 -11.59 -23.61
N PRO A 281 20.78 -12.43 -24.55
CA PRO A 281 20.58 -13.84 -24.22
C PRO A 281 21.80 -14.49 -23.63
N GLY A 282 21.59 -15.33 -22.64
CA GLY A 282 22.69 -16.13 -22.10
C GLY A 282 22.79 -16.01 -20.64
N ILE A 284 20.61 -15.01 -18.26
CA ILE A 284 19.50 -15.63 -17.57
C ILE A 284 19.47 -17.14 -17.81
N GLU A 285 19.47 -17.52 -19.08
CA GLU A 285 19.33 -18.92 -19.52
C GLU A 285 20.47 -19.81 -19.05
N ASN A 286 21.71 -19.34 -19.20
CA ASN A 286 22.85 -20.22 -19.02
C ASN A 286 23.75 -19.85 -17.86
N PHE A 287 23.40 -18.82 -17.09
CA PHE A 287 24.23 -18.49 -15.92
C PHE A 287 23.30 -18.52 -14.74
N ILE A 288 22.34 -17.57 -14.71
CA ILE A 288 21.47 -17.46 -13.54
C ILE A 288 20.65 -18.74 -13.24
N ILE A 289 19.88 -19.21 -14.22
CA ILE A 289 18.97 -20.35 -14.01
C ILE A 289 19.67 -21.65 -13.55
N PRO A 290 20.74 -22.09 -14.24
CA PRO A 290 21.41 -23.28 -13.81
C PRO A 290 22.04 -23.15 -12.43
N GLU A 291 22.60 -21.99 -12.07
CA GLU A 291 23.09 -21.81 -10.69
C GLU A 291 21.99 -21.87 -9.63
N LEU A 292 20.84 -21.19 -9.87
CA LEU A 292 19.70 -21.35 -8.96
C LEU A 292 19.28 -22.79 -8.85
N CYS A 293 19.11 -23.42 -9.98
CA CYS A 293 18.70 -24.82 -9.99
C CYS A 293 19.64 -25.64 -9.10
N GLU A 294 20.94 -25.46 -9.23
CA GLU A 294 21.90 -26.15 -8.35
C GLU A 294 21.63 -25.86 -6.88
N ILE A 295 21.36 -24.59 -6.55
CA ILE A 295 21.12 -24.23 -5.14
C ILE A 295 19.84 -24.81 -4.65
N ILE A 296 18.83 -24.87 -5.53
CA ILE A 296 17.55 -25.49 -5.20
C ILE A 296 17.65 -26.99 -4.86
N LYS A 297 18.40 -27.73 -5.68
CA LYS A 297 18.61 -29.18 -5.41
C LYS A 297 19.24 -29.37 -4.04
N LEU A 298 20.26 -28.57 -3.71
CA LEU A 298 20.87 -28.67 -2.39
C LEU A 298 19.84 -28.49 -1.29
N LEU A 299 19.03 -27.46 -1.40
CA LEU A 299 18.03 -27.18 -0.38
C LEU A 299 16.99 -28.30 -0.24
N THR A 301 17.51 -31.54 -0.92
CA THR A 301 18.15 -32.57 -0.11
C THR A 301 18.14 -32.22 1.41
N GLN A 302 18.42 -30.96 1.76
CA GLN A 302 18.32 -30.46 3.13
C GLN A 302 16.94 -30.66 3.72
N SER A 303 15.92 -30.58 2.87
CA SER A 303 14.51 -30.66 3.25
C SER A 303 14.20 -32.00 3.92
N ILE A 304 14.80 -33.07 3.39
CA ILE A 304 14.63 -34.43 3.94
C ILE A 304 15.55 -34.69 5.16
N SER A 305 16.35 -33.71 5.57
CA SER A 305 17.21 -33.81 6.77
C SER A 305 16.44 -33.95 8.09
N SER A 306 15.19 -33.49 8.08
CA SER A 306 14.29 -33.68 9.21
C SER A 306 14.01 -35.17 9.40
N ASN A 316 17.51 -26.14 7.22
CA ASN A 316 18.50 -25.08 7.06
C ASN A 316 18.00 -23.83 6.34
N ALA A 317 17.61 -23.92 5.07
CA ALA A 317 17.01 -22.74 4.39
C ALA A 317 15.84 -23.10 3.50
N SER A 318 15.01 -23.98 4.05
CA SER A 318 13.88 -24.55 3.30
C SER A 318 12.80 -23.51 2.93
N HIS A 319 12.77 -22.37 3.57
CA HIS A 319 11.79 -21.30 3.25
C HIS A 319 12.10 -20.62 1.94
N LYS A 320 13.29 -20.84 1.38
CA LYS A 320 13.61 -20.31 0.07
C LYS A 320 13.17 -21.24 -1.07
N LEU A 321 12.67 -22.43 -0.75
CA LEU A 321 12.26 -23.40 -1.78
C LEU A 321 11.21 -22.87 -2.75
N VAL A 322 10.10 -22.40 -2.22
CA VAL A 322 9.03 -21.76 -3.00
C VAL A 322 9.51 -20.53 -3.77
N PRO A 323 10.18 -19.56 -3.11
CA PRO A 323 10.53 -18.37 -3.92
C PRO A 323 11.54 -18.65 -5.05
N PHE A 324 12.60 -19.41 -4.77
CA PHE A 324 13.60 -19.71 -5.77
C PHE A 324 13.00 -20.54 -6.91
N LEU A 325 12.17 -21.52 -6.58
CA LEU A 325 11.62 -22.42 -7.63
C LEU A 325 10.68 -21.58 -8.48
N ALA A 326 10.02 -20.59 -7.87
CA ALA A 326 9.11 -19.68 -8.62
C ALA A 326 9.89 -18.90 -9.68
N ILE A 327 11.09 -18.47 -9.32
CA ILE A 327 11.95 -17.79 -10.26
C ILE A 327 12.33 -18.70 -11.39
N VAL A 328 12.68 -19.94 -11.06
CA VAL A 328 13.21 -20.81 -12.06
C VAL A 328 12.06 -21.13 -13.05
N LEU A 329 10.89 -21.44 -12.52
CA LEU A 329 9.73 -21.86 -13.34
C LEU A 329 9.28 -20.72 -14.22
N ASP A 330 9.24 -19.53 -13.64
CA ASP A 330 9.00 -18.29 -14.41
C ASP A 330 10.04 -18.07 -15.49
N LEU A 331 11.31 -18.01 -15.15
CA LEU A 331 12.29 -17.58 -16.14
C LEU A 331 12.55 -18.63 -17.21
N THR A 332 12.46 -19.91 -16.86
CA THR A 332 12.69 -21.02 -17.80
C THR A 332 11.57 -20.95 -18.83
N SER A 333 10.34 -20.80 -18.35
CA SER A 333 9.20 -20.68 -19.24
C SER A 333 9.34 -19.46 -20.14
N GLU A 334 9.62 -18.30 -19.54
CA GLU A 334 9.70 -17.08 -20.31
C GLU A 334 10.72 -17.21 -21.44
N THR A 335 11.86 -17.84 -21.15
CA THR A 335 12.96 -17.93 -22.12
C THR A 335 12.85 -19.22 -22.93
N ASN A 336 11.85 -20.03 -22.64
CA ASN A 336 11.79 -21.34 -23.27
C ASN A 336 13.16 -22.08 -23.32
N THR A 337 13.91 -22.05 -22.20
CA THR A 337 15.15 -22.79 -22.02
C THR A 337 15.09 -23.53 -20.68
N PHE A 338 15.78 -24.65 -20.59
CA PHE A 338 15.60 -25.60 -19.50
C PHE A 338 16.92 -26.29 -19.33
N PRO A 339 17.50 -26.25 -18.13
CA PRO A 339 18.86 -26.81 -18.00
C PRO A 339 18.86 -28.32 -17.91
N VAL A 340 20.00 -28.94 -18.22
CA VAL A 340 20.16 -30.38 -18.07
C VAL A 340 19.74 -30.76 -16.67
N GLY A 341 18.81 -31.70 -16.57
CA GLY A 341 18.36 -32.18 -15.27
C GLY A 341 17.19 -31.44 -14.69
N PHE A 342 16.70 -30.40 -15.40
CA PHE A 342 15.48 -29.74 -15.04
C PHE A 342 14.41 -30.83 -14.75
N ASN A 343 14.30 -31.77 -15.68
CA ASN A 343 13.41 -32.88 -15.47
C ASN A 343 13.58 -33.50 -14.06
N ASP A 344 14.84 -33.75 -13.62
CA ASP A 344 15.08 -34.33 -12.28
C ASP A 344 14.72 -33.39 -11.17
N LEU A 345 14.90 -32.09 -11.41
CA LEU A 345 14.57 -31.04 -10.45
C LEU A 345 13.08 -31.05 -10.15
N ILE A 346 12.30 -31.15 -11.21
CA ILE A 346 10.85 -31.04 -11.12
C ILE A 346 10.33 -32.31 -10.44
N THR A 347 10.88 -33.45 -10.79
CA THR A 347 10.61 -34.74 -10.08
C THR A 347 10.82 -34.70 -8.57
N GLN A 348 11.97 -34.19 -8.17
CA GLN A 348 12.38 -34.08 -6.78
C GLN A 348 11.42 -33.14 -6.05
N SER A 349 11.06 -32.07 -6.74
CA SER A 349 10.15 -31.14 -6.12
C SER A 349 8.74 -31.69 -5.94
N PHE A 350 8.30 -32.60 -6.81
CA PHE A 350 7.01 -33.34 -6.63
C PHE A 350 7.01 -34.33 -5.47
N LYS A 351 8.18 -34.91 -5.19
CA LYS A 351 8.35 -35.79 -4.04
C LYS A 351 8.44 -34.99 -2.74
N LEU A 352 8.71 -33.68 -2.80
CA LEU A 352 8.76 -32.88 -1.54
C LEU A 352 7.42 -32.83 -0.81
N PRO A 353 7.42 -33.07 0.51
CA PRO A 353 6.04 -33.08 1.04
C PRO A 353 5.50 -31.67 1.34
N ASP A 354 6.25 -30.63 0.97
CA ASP A 354 5.77 -29.26 1.20
C ASP A 354 4.55 -28.82 0.34
N ARG A 355 3.51 -28.39 1.01
CA ARG A 355 2.23 -27.99 0.41
C ARG A 355 2.36 -26.76 -0.48
N GLN A 356 3.11 -25.78 -0.01
CA GLN A 356 3.30 -24.55 -0.74
C GLN A 356 4.12 -24.75 -2.04
N VAL A 357 5.03 -25.71 -2.01
CA VAL A 357 5.72 -26.14 -3.19
C VAL A 357 4.72 -26.71 -4.22
N ARG A 358 3.95 -27.68 -3.77
CA ARG A 358 2.99 -28.37 -4.60
C ARG A 358 1.95 -27.38 -5.21
N PHE A 359 1.43 -26.43 -4.43
CA PHE A 359 0.57 -25.39 -5.07
C PHE A 359 1.35 -24.69 -6.23
N LEU A 360 2.63 -24.41 -6.00
CA LEU A 360 3.38 -23.71 -7.03
C LEU A 360 3.48 -24.57 -8.31
N LEU A 361 3.74 -25.88 -8.11
CA LEU A 361 3.93 -26.80 -9.21
C LEU A 361 2.62 -27.04 -9.96
N LEU A 362 1.51 -27.06 -9.23
CA LEU A 362 0.24 -27.24 -9.86
C LEU A 362 -0.01 -26.10 -10.84
N ILE A 363 0.29 -24.87 -10.42
CA ILE A 363 0.24 -23.67 -11.30
C ILE A 363 1.06 -23.78 -12.58
N TYR A 364 2.25 -24.41 -12.53
CA TYR A 364 3.09 -24.48 -13.72
C TYR A 364 3.01 -25.82 -14.49
N LEU A 365 2.19 -26.80 -14.06
CA LEU A 365 2.18 -28.16 -14.64
C LEU A 365 1.86 -28.18 -16.12
N PRO A 366 0.78 -27.50 -16.55
CA PRO A 366 0.46 -27.42 -18.01
C PRO A 366 1.64 -26.89 -18.81
N LYS A 367 2.35 -25.91 -18.29
CA LYS A 367 3.56 -25.46 -18.95
C LYS A 367 4.72 -26.40 -18.78
N LEU A 368 4.71 -27.33 -17.81
CA LEU A 368 5.86 -28.24 -17.69
C LEU A 368 5.78 -29.42 -18.67
N ILE A 369 4.62 -29.58 -19.31
CA ILE A 369 4.46 -30.66 -20.30
C ILE A 369 5.06 -30.20 -21.61
N GLY A 370 6.13 -30.87 -22.01
CA GLY A 370 7.01 -30.41 -23.06
C GLY A 370 8.44 -30.46 -22.58
N PRO A 371 8.85 -29.45 -21.80
CA PRO A 371 10.14 -29.52 -21.13
C PRO A 371 10.33 -30.92 -20.59
N LEU A 372 9.23 -31.47 -20.05
CA LEU A 372 9.20 -32.83 -19.60
C LEU A 372 8.30 -33.61 -20.58
N SER A 373 8.70 -34.80 -20.95
CA SER A 373 7.95 -35.61 -21.90
C SER A 373 6.72 -36.22 -21.20
N LYS A 374 5.70 -36.56 -21.98
CA LYS A 374 4.53 -37.32 -21.53
C LYS A 374 4.86 -38.59 -20.75
N SER A 375 5.84 -39.35 -21.23
CA SER A 375 6.28 -40.55 -20.50
C SER A 375 6.88 -40.18 -19.15
N GLU A 376 7.63 -39.09 -19.11
CA GLU A 376 8.20 -38.62 -17.82
C GLU A 376 7.08 -38.11 -16.89
N ILE A 377 6.14 -37.37 -17.46
CA ILE A 377 5.03 -36.89 -16.64
C ILE A 377 4.23 -38.04 -16.01
N SER A 378 3.91 -39.00 -16.84
CA SER A 378 3.11 -40.13 -16.43
C SER A 378 3.91 -40.99 -15.48
N SER A 379 5.17 -41.16 -15.82
CA SER A 379 6.03 -42.09 -15.13
C SER A 379 6.54 -41.55 -13.80
N ARG A 380 6.98 -40.30 -13.80
CA ARG A 380 7.64 -39.76 -12.62
C ARG A 380 6.83 -38.68 -11.87
N ILE A 381 5.85 -38.04 -12.54
CA ILE A 381 5.17 -36.89 -11.96
C ILE A 381 3.79 -37.22 -11.43
N TYR A 382 2.99 -37.93 -12.24
CA TYR A 382 1.60 -38.19 -11.89
C TYR A 382 1.42 -38.90 -10.56
N PRO A 383 2.19 -39.97 -10.31
CA PRO A 383 1.93 -40.73 -9.08
C PRO A 383 2.03 -39.82 -7.83
N HIS A 384 2.84 -38.78 -7.87
CA HIS A 384 2.89 -37.86 -6.69
C HIS A 384 1.87 -36.81 -6.85
N PHE A 385 1.71 -36.35 -8.08
CA PHE A 385 0.72 -35.37 -8.37
C PHE A 385 -0.64 -35.76 -7.77
N ILE A 386 -1.02 -37.00 -8.03
CA ILE A 386 -2.39 -37.47 -7.76
C ILE A 386 -2.69 -37.66 -6.29
N GLN A 387 -1.69 -38.00 -5.50
CA GLN A 387 -1.83 -38.08 -4.04
C GLN A 387 -2.29 -36.76 -3.51
N GLY A 388 -2.06 -35.69 -4.25
CA GLY A 388 -2.65 -34.38 -3.85
C GLY A 388 -4.13 -34.51 -3.49
N LEU A 389 -4.81 -35.51 -4.06
CA LEU A 389 -6.29 -35.60 -3.83
C LEU A 389 -6.61 -36.08 -2.46
N THR A 390 -5.62 -36.71 -1.84
CA THR A 390 -5.85 -37.35 -0.55
C THR A 390 -5.20 -36.58 0.59
N ASP A 391 -4.60 -35.43 0.28
CA ASP A 391 -3.97 -34.53 1.27
C ASP A 391 -5.05 -33.96 2.20
N SER A 392 -4.64 -33.54 3.42
CA SER A 392 -5.59 -33.11 4.43
C SER A 392 -6.10 -31.73 4.20
N ASP A 393 -5.33 -30.92 3.49
CA ASP A 393 -5.74 -29.54 3.18
C ASP A 393 -6.71 -29.59 1.98
N ALA A 394 -7.95 -29.12 2.16
CA ALA A 394 -8.99 -29.23 1.16
C ALA A 394 -8.66 -28.40 -0.06
N THR A 395 -7.88 -27.34 0.16
CA THR A 395 -7.49 -26.47 -0.97
C THR A 395 -6.44 -27.16 -1.88
N LEU A 396 -5.53 -27.95 -1.28
CA LEU A 396 -4.61 -28.72 -2.14
C LEU A 396 -5.41 -29.79 -2.91
N ARG A 397 -6.34 -30.47 -2.22
CA ARG A 397 -7.20 -31.47 -2.92
C ARG A 397 -8.00 -30.85 -4.05
N LEU A 398 -8.69 -29.74 -3.77
CA LEU A 398 -9.42 -29.02 -4.85
C LEU A 398 -8.49 -28.63 -5.99
N GLN A 399 -7.38 -27.97 -5.71
CA GLN A 399 -6.53 -27.60 -6.84
C GLN A 399 -6.00 -28.80 -7.60
N THR A 400 -5.63 -29.89 -6.90
CA THR A 400 -5.17 -31.07 -7.63
C THR A 400 -6.33 -31.45 -8.56
N LEU A 401 -7.53 -31.52 -8.00
CA LEU A 401 -8.70 -31.91 -8.75
C LEU A 401 -8.88 -31.11 -10.04
N LYS A 402 -8.84 -29.79 -9.92
CA LYS A 402 -9.05 -28.90 -11.06
C LYS A 402 -7.90 -28.96 -12.10
N THR A 403 -6.83 -29.64 -11.77
CA THR A 403 -5.68 -29.65 -12.65
C THR A 403 -5.68 -30.95 -13.47
N ILE A 404 -6.53 -31.92 -13.13
CA ILE A 404 -6.52 -33.24 -13.75
C ILE A 404 -6.71 -33.16 -15.26
N PRO A 405 -7.65 -32.33 -15.73
CA PRO A 405 -7.84 -32.25 -17.15
C PRO A 405 -6.60 -31.85 -17.96
N CYS A 406 -5.71 -31.07 -17.39
CA CYS A 406 -4.53 -30.60 -18.14
C CYS A 406 -3.46 -31.69 -18.26
N ILE A 407 -3.46 -32.68 -17.39
CA ILE A 407 -2.38 -33.65 -17.59
C ILE A 407 -2.85 -34.99 -18.10
N VAL A 408 -4.14 -35.10 -18.24
CA VAL A 408 -4.75 -36.36 -18.59
C VAL A 408 -4.23 -36.92 -19.94
N SER A 409 -3.78 -36.07 -20.83
CA SER A 409 -3.31 -36.61 -22.15
C SER A 409 -1.92 -37.22 -22.07
N CYS A 410 -1.24 -37.00 -20.96
CA CYS A 410 -0.04 -37.73 -20.67
C CYS A 410 -0.21 -39.16 -20.19
N LEU A 411 -1.38 -39.56 -19.68
CA LEU A 411 -1.44 -40.80 -18.84
C LEU A 411 -1.46 -42.11 -19.59
N THR A 412 -0.88 -43.18 -19.02
CA THR A 412 -1.06 -44.55 -19.61
C THR A 412 -2.52 -44.99 -19.51
N GLU A 413 -2.85 -46.12 -20.13
CA GLU A 413 -4.23 -46.62 -20.19
C GLU A 413 -4.70 -47.13 -18.86
N ARG A 414 -3.81 -47.77 -18.13
CA ARG A 414 -4.08 -48.12 -16.74
C ARG A 414 -4.41 -46.86 -15.89
N GLN A 415 -3.48 -45.91 -15.81
CA GLN A 415 -3.68 -44.63 -15.11
C GLN A 415 -5.01 -43.98 -15.34
N LEU A 416 -5.38 -43.85 -16.61
CA LEU A 416 -6.58 -43.12 -16.97
C LEU A 416 -7.89 -43.88 -16.73
N ASN A 417 -7.90 -45.14 -17.17
CA ASN A 417 -9.09 -45.90 -17.39
C ASN A 417 -9.39 -46.82 -16.26
N ASN A 418 -8.44 -46.99 -15.37
CA ASN A 418 -8.61 -47.86 -14.25
C ASN A 418 -8.56 -47.03 -13.00
N GLU A 419 -7.42 -46.38 -12.76
CA GLU A 419 -7.19 -45.74 -11.49
C GLU A 419 -7.89 -44.37 -11.35
N LEU A 420 -7.91 -43.55 -12.40
CA LEU A 420 -8.43 -42.16 -12.28
C LEU A 420 -9.81 -42.07 -11.70
N LEU A 421 -10.72 -42.85 -12.26
CA LEU A 421 -12.09 -42.82 -11.76
C LEU A 421 -12.26 -43.36 -10.33
N ARG A 422 -11.35 -44.24 -9.86
CA ARG A 422 -11.38 -44.70 -8.43
C ARG A 422 -11.10 -43.53 -7.50
N PHE A 423 -10.16 -42.67 -7.90
CA PHE A 423 -9.90 -41.44 -7.15
C PHE A 423 -11.12 -40.51 -7.17
N LEU A 424 -11.73 -40.36 -8.35
CA LEU A 424 -12.83 -39.40 -8.51
C LEU A 424 -14.08 -39.86 -7.76
N ALA A 425 -14.33 -41.17 -7.74
CA ALA A 425 -15.40 -41.74 -6.95
C ALA A 425 -15.25 -41.38 -5.47
N LYS A 426 -14.00 -41.28 -5.00
CA LYS A 426 -13.78 -40.86 -3.63
C LYS A 426 -13.99 -39.37 -3.43
N THR A 427 -13.43 -38.54 -4.30
CA THR A 427 -13.62 -37.11 -4.13
C THR A 427 -15.08 -36.64 -4.32
N GLN A 428 -15.92 -37.46 -4.92
CA GLN A 428 -17.31 -37.14 -5.04
C GLN A 428 -18.06 -37.24 -3.67
N VAL A 429 -17.45 -37.90 -2.70
CA VAL A 429 -18.05 -37.98 -1.35
C VAL A 429 -17.19 -37.18 -0.32
N ASP A 430 -16.34 -36.31 -0.85
CA ASP A 430 -15.38 -35.59 -0.04
C ASP A 430 -16.12 -34.76 0.96
N SER A 431 -15.52 -34.58 2.14
CA SER A 431 -16.07 -33.69 3.15
C SER A 431 -16.28 -32.24 2.69
N ASP A 432 -15.48 -31.74 1.75
CA ASP A 432 -15.67 -30.40 1.21
C ASP A 432 -16.69 -30.36 0.02
N VAL A 433 -17.67 -29.45 0.10
CA VAL A 433 -18.72 -29.32 -0.89
C VAL A 433 -18.13 -28.85 -2.23
N GLU A 434 -17.11 -28.00 -2.13
CA GLU A 434 -16.48 -27.47 -3.32
C GLU A 434 -15.84 -28.62 -4.20
N ILE A 435 -15.23 -29.58 -3.53
CA ILE A 435 -14.59 -30.71 -4.14
C ILE A 435 -15.62 -31.62 -4.72
N ARG A 436 -16.70 -31.88 -3.97
CA ARG A 436 -17.87 -32.61 -4.54
C ARG A 436 -18.46 -32.02 -5.81
N THR A 437 -18.65 -30.69 -5.80
CA THR A 437 -19.18 -29.93 -6.93
C THR A 437 -18.25 -30.10 -8.14
N TRP A 438 -16.95 -29.86 -7.94
CA TRP A 438 -15.98 -29.90 -9.03
C TRP A 438 -15.76 -31.32 -9.54
N THR A 439 -15.83 -32.33 -8.66
CA THR A 439 -15.64 -33.69 -9.12
C THR A 439 -16.57 -34.10 -10.26
N VAL A 440 -17.84 -33.74 -10.15
CA VAL A 440 -18.79 -34.11 -11.20
C VAL A 440 -18.52 -33.38 -12.56
N ILE A 441 -18.05 -32.15 -12.45
CA ILE A 441 -17.59 -31.31 -13.59
C ILE A 441 -16.40 -32.01 -14.22
N ILE A 442 -15.42 -32.40 -13.41
CA ILE A 442 -14.20 -33.04 -13.97
C ILE A 442 -14.52 -34.39 -14.62
N ILE A 443 -15.38 -35.17 -13.95
CA ILE A 443 -15.77 -36.44 -14.54
C ILE A 443 -16.49 -36.23 -15.92
N SER A 444 -17.35 -35.22 -16.04
CA SER A 444 -18.01 -34.94 -17.31
C SER A 444 -17.00 -34.59 -18.35
N LYS A 445 -16.07 -33.72 -17.94
CA LYS A 445 -15.00 -33.28 -18.79
C LYS A 445 -14.22 -34.42 -19.40
N ILE A 446 -13.78 -35.38 -18.59
CA ILE A 446 -12.90 -36.43 -19.07
C ILE A 446 -13.57 -37.69 -19.62
N SER A 447 -14.89 -37.81 -19.50
CA SER A 447 -15.66 -38.99 -19.88
C SER A 447 -15.43 -39.48 -21.30
N THR A 448 -15.24 -38.56 -22.23
CA THR A 448 -15.03 -38.88 -23.61
C THR A 448 -13.59 -39.19 -23.96
N ILE A 449 -12.63 -39.01 -23.02
CA ILE A 449 -11.24 -39.46 -23.34
C ILE A 449 -10.83 -40.80 -22.71
N LEU A 450 -11.75 -41.43 -21.99
CA LEU A 450 -11.54 -42.78 -21.54
C LEU A 450 -11.47 -43.71 -22.77
N SER A 451 -10.63 -44.72 -22.69
CA SER A 451 -10.73 -45.75 -23.72
C SER A 451 -11.74 -46.84 -23.27
N THR A 452 -13.03 -46.52 -23.28
CA THR A 452 -14.07 -47.55 -23.21
C THR A 452 -15.14 -47.27 -24.23
N SER A 453 -16.16 -48.10 -24.18
CA SER A 453 -17.23 -48.06 -25.13
C SER A 453 -18.12 -46.87 -24.81
N VAL A 454 -18.89 -46.48 -25.80
CA VAL A 454 -19.92 -45.47 -25.59
C VAL A 454 -20.81 -45.99 -24.43
N GLY A 455 -21.18 -47.27 -24.47
CA GLY A 455 -22.05 -47.87 -23.41
C GLY A 455 -21.49 -47.58 -22.01
N ASN A 456 -20.21 -47.85 -21.83
CA ASN A 456 -19.65 -47.70 -20.52
C ASN A 456 -19.47 -46.24 -20.16
N ARG A 457 -19.16 -45.43 -21.16
CA ARG A 457 -19.09 -43.98 -20.92
C ARG A 457 -20.41 -43.51 -20.34
N SER A 458 -21.50 -43.95 -21.00
CA SER A 458 -22.89 -43.71 -20.50
C SER A 458 -23.11 -44.17 -19.08
N ASN A 459 -22.67 -45.37 -18.76
CA ASN A 459 -22.79 -45.87 -17.35
C ASN A 459 -22.00 -45.04 -16.36
N ILE A 460 -20.79 -44.68 -16.72
CA ILE A 460 -20.00 -43.73 -15.95
C ILE A 460 -20.70 -42.40 -15.69
N LEU A 461 -21.27 -41.82 -16.73
CA LEU A 461 -21.93 -40.55 -16.54
C LEU A 461 -23.19 -40.68 -15.70
N ALA A 462 -24.04 -41.66 -16.05
CA ALA A 462 -25.33 -41.82 -15.32
C ALA A 462 -25.08 -42.01 -13.86
N THR A 463 -24.09 -42.87 -13.55
CA THR A 463 -23.76 -43.16 -12.14
C THR A 463 -23.24 -41.90 -11.38
N ALA A 464 -22.35 -41.16 -12.00
CA ALA A 464 -21.78 -39.98 -11.37
C ALA A 464 -22.85 -38.91 -11.15
N PHE A 465 -23.73 -38.73 -12.13
CA PHE A 465 -24.79 -37.71 -12.01
C PHE A 465 -25.87 -38.09 -10.98
N THR A 466 -26.24 -39.36 -10.94
CA THR A 466 -27.18 -39.89 -9.93
C THR A 466 -26.65 -39.65 -8.50
N LYS A 467 -25.37 -39.99 -8.28
CA LYS A 467 -24.69 -39.70 -7.00
C LYS A 467 -24.76 -38.23 -6.59
N SER A 468 -24.45 -37.32 -7.49
CA SER A 468 -24.39 -35.90 -7.18
C SER A 468 -25.77 -35.31 -6.89
N LEU A 469 -26.78 -35.88 -7.52
CA LEU A 469 -28.15 -35.34 -7.36
C LEU A 469 -28.82 -35.84 -6.09
N LYS A 470 -28.18 -36.79 -5.40
CA LYS A 470 -28.55 -37.13 -4.04
C LYS A 470 -27.76 -36.30 -3.03
N ASP A 471 -26.94 -35.34 -3.47
CA ASP A 471 -26.03 -34.73 -2.49
C ASP A 471 -26.89 -33.93 -1.50
N PRO A 472 -26.52 -33.93 -0.19
CA PRO A 472 -27.18 -33.07 0.81
C PRO A 472 -27.07 -31.57 0.49
N GLN A 473 -25.97 -31.15 -0.11
CA GLN A 473 -25.86 -29.75 -0.48
C GLN A 473 -26.37 -29.47 -1.87
N VAL A 474 -26.85 -28.25 -2.10
CA VAL A 474 -27.44 -27.83 -3.37
C VAL A 474 -26.40 -27.69 -4.49
N LYS A 475 -25.18 -27.30 -4.15
CA LYS A 475 -24.23 -26.95 -5.21
C LYS A 475 -23.88 -28.14 -6.14
N PRO A 476 -23.63 -29.34 -5.60
CA PRO A 476 -23.29 -30.52 -6.43
C PRO A 476 -24.46 -31.06 -7.25
N ARG A 477 -25.68 -30.81 -6.78
CA ARG A 477 -26.88 -31.14 -7.54
C ARG A 477 -26.96 -30.25 -8.76
N LEU A 478 -26.77 -28.95 -8.56
CA LEU A 478 -26.70 -27.99 -9.67
C LEU A 478 -25.58 -28.31 -10.65
N ALA A 479 -24.48 -28.88 -10.16
CA ALA A 479 -23.37 -29.23 -11.01
C ALA A 479 -23.74 -30.49 -11.82
N ALA A 480 -24.54 -31.38 -11.27
CA ALA A 480 -24.99 -32.53 -12.05
C ALA A 480 -25.86 -32.07 -13.23
N LEU A 481 -26.82 -31.22 -12.94
CA LEU A 481 -27.73 -30.75 -13.98
C LEU A 481 -26.95 -30.08 -15.07
N TYR A 482 -25.88 -29.39 -14.67
CA TYR A 482 -25.05 -28.70 -15.67
C TYR A 482 -24.35 -29.69 -16.61
N GLY A 483 -23.69 -30.68 -16.01
CA GLY A 483 -23.00 -31.67 -16.80
C GLY A 483 -23.95 -32.48 -17.62
N LEU A 484 -25.19 -32.64 -17.17
CA LEU A 484 -26.23 -33.34 -17.99
C LEU A 484 -26.66 -32.51 -19.17
N GLU A 485 -26.72 -31.18 -18.98
CA GLU A 485 -27.06 -30.31 -20.10
C GLU A 485 -25.97 -30.40 -21.18
N LYS A 486 -24.72 -30.28 -20.73
CA LYS A 486 -23.62 -30.40 -21.65
C LYS A 486 -23.46 -31.82 -22.21
N SER A 487 -24.04 -32.83 -21.60
CA SER A 487 -23.76 -34.22 -22.04
C SER A 487 -24.74 -34.78 -22.98
N ILE A 488 -25.76 -33.99 -23.30
CA ILE A 488 -26.87 -34.50 -24.07
C ILE A 488 -26.39 -35.06 -25.40
N GLU A 489 -25.41 -34.41 -26.03
CA GLU A 489 -24.88 -34.96 -27.27
C GLU A 489 -24.14 -36.28 -27.12
N LEU A 490 -23.82 -36.68 -25.87
CA LEU A 490 -23.12 -37.98 -25.67
C LEU A 490 -24.08 -39.14 -25.38
N PHE A 491 -25.38 -38.82 -25.27
CA PHE A 491 -26.43 -39.82 -25.09
C PHE A 491 -27.32 -39.90 -26.32
N ASP A 492 -27.28 -41.06 -26.97
CA ASP A 492 -28.23 -41.30 -28.06
C ASP A 492 -29.62 -41.58 -27.44
N VAL A 493 -30.66 -41.65 -28.28
CA VAL A 493 -32.01 -41.62 -27.73
C VAL A 493 -32.29 -42.89 -27.03
N ASN A 494 -31.65 -43.94 -27.49
CA ASN A 494 -31.77 -45.19 -26.81
C ASN A 494 -31.32 -45.14 -25.34
N THR A 495 -30.20 -44.50 -25.08
CA THR A 495 -29.70 -44.44 -23.72
C THR A 495 -30.58 -43.48 -22.90
N ILE A 496 -31.00 -42.38 -23.50
CA ILE A 496 -31.96 -41.50 -22.88
C ILE A 496 -33.16 -42.26 -22.34
N ALA A 497 -33.80 -43.02 -23.21
CA ALA A 497 -34.98 -43.83 -22.94
C ALA A 497 -34.74 -45.00 -22.00
N ASN A 498 -33.57 -45.65 -22.13
CA ASN A 498 -33.21 -46.82 -21.30
C ASN A 498 -32.88 -46.32 -19.91
N LYS A 499 -32.37 -45.09 -19.77
CA LYS A 499 -31.60 -44.78 -18.57
C LYS A 499 -31.59 -43.33 -18.09
N ILE A 500 -31.23 -42.39 -18.97
CA ILE A 500 -30.99 -40.98 -18.54
C ILE A 500 -32.27 -40.24 -18.03
N LEU A 501 -33.44 -40.57 -18.60
CA LEU A 501 -34.69 -39.90 -18.12
C LEU A 501 -34.90 -39.98 -16.62
N THR A 502 -34.70 -41.17 -16.06
CA THR A 502 -34.80 -41.41 -14.63
C THR A 502 -33.59 -41.00 -13.79
N VAL A 503 -32.47 -40.66 -14.44
CA VAL A 503 -31.38 -39.93 -13.77
C VAL A 503 -31.78 -38.45 -13.60
N ILE A 504 -32.34 -37.84 -14.64
CA ILE A 504 -32.83 -36.46 -14.53
C ILE A 504 -34.04 -36.30 -13.66
N ALA A 505 -35.05 -37.12 -13.90
CA ALA A 505 -36.36 -36.78 -13.37
C ALA A 505 -36.50 -36.52 -11.86
N PRO A 506 -35.72 -37.22 -11.00
CA PRO A 506 -35.84 -36.95 -9.57
C PRO A 506 -35.60 -35.50 -9.15
N GLY A 507 -34.76 -34.80 -9.90
CA GLY A 507 -34.41 -33.42 -9.60
C GLY A 507 -35.60 -32.48 -9.79
N LEU A 508 -36.52 -32.91 -10.65
CA LEU A 508 -37.85 -32.31 -10.76
C LEU A 508 -38.56 -32.23 -9.41
N LEU A 509 -38.20 -33.16 -8.51
CA LEU A 509 -38.87 -33.21 -7.22
C LEU A 509 -38.03 -32.78 -6.00
N ASP A 510 -36.93 -32.11 -6.30
CA ASP A 510 -35.92 -31.72 -5.32
C ASP A 510 -36.53 -30.66 -4.38
N LYS A 511 -36.06 -30.63 -3.15
CA LYS A 511 -36.50 -29.60 -2.16
C LYS A 511 -36.06 -28.21 -2.51
N SER A 512 -35.02 -28.08 -3.34
CA SER A 512 -34.47 -26.76 -3.65
C SER A 512 -35.22 -26.17 -4.85
N PRO A 513 -35.83 -24.97 -4.69
CA PRO A 513 -36.59 -24.49 -5.87
C PRO A 513 -35.69 -24.31 -7.11
N ILE A 514 -34.44 -23.95 -6.89
CA ILE A 514 -33.57 -23.66 -8.02
C ILE A 514 -33.23 -24.95 -8.80
N VAL A 515 -33.12 -26.09 -8.08
CA VAL A 515 -32.87 -27.36 -8.75
C VAL A 515 -34.09 -27.79 -9.52
N ARG A 516 -35.25 -27.71 -8.87
CA ARG A 516 -36.49 -28.10 -9.55
C ARG A 516 -36.61 -27.31 -10.80
N GLY A 517 -36.33 -26.00 -10.74
CA GLY A 517 -36.51 -25.11 -11.94
C GLY A 517 -35.54 -25.52 -13.05
N ARG A 518 -34.27 -25.71 -12.71
CA ARG A 518 -33.31 -26.15 -13.75
C ARG A 518 -33.57 -27.55 -14.23
N ALA A 519 -34.05 -28.44 -13.36
CA ALA A 519 -34.21 -29.83 -13.78
C ALA A 519 -35.33 -29.91 -14.78
N LYS A 520 -36.37 -29.09 -14.59
CA LYS A 520 -37.51 -29.11 -15.50
C LYS A 520 -37.08 -28.71 -16.93
N ILE A 521 -36.20 -27.71 -17.02
CA ILE A 521 -35.82 -27.19 -18.30
C ILE A 521 -34.92 -28.22 -19.00
N LEU A 522 -34.07 -28.87 -18.23
CA LEU A 522 -33.18 -29.90 -18.71
C LEU A 522 -33.95 -31.10 -19.21
N PHE A 523 -34.86 -31.58 -18.36
CA PHE A 523 -35.76 -32.66 -18.68
C PHE A 523 -36.48 -32.48 -20.00
N GLU A 524 -37.06 -31.29 -20.22
CA GLU A 524 -37.81 -31.03 -21.47
C GLU A 524 -36.90 -31.14 -22.66
N GLU A 525 -35.71 -30.60 -22.54
CA GLU A 525 -34.79 -30.67 -23.66
C GLU A 525 -34.43 -32.16 -23.98
N TYR A 526 -34.34 -33.02 -22.97
CA TYR A 526 -34.03 -34.44 -23.23
C TYR A 526 -35.25 -35.15 -23.81
N LEU A 527 -36.43 -34.81 -23.28
CA LEU A 527 -37.72 -35.26 -23.81
C LEU A 527 -37.92 -34.92 -25.27
N GLU A 528 -37.56 -33.68 -25.61
CA GLU A 528 -37.67 -33.18 -26.99
C GLU A 528 -36.76 -33.97 -27.89
N LYS A 529 -35.53 -34.21 -27.43
CA LYS A 529 -34.62 -35.00 -28.23
C LYS A 529 -35.19 -36.39 -28.50
N LEU A 530 -35.73 -37.04 -27.46
CA LEU A 530 -36.36 -38.36 -27.59
C LEU A 530 -37.56 -38.35 -28.49
N GLU A 531 -38.43 -37.36 -28.29
CA GLU A 531 -39.65 -37.23 -29.08
C GLU A 531 -39.37 -37.10 -30.60
N LYS A 532 -38.33 -36.33 -30.92
CA LYS A 532 -37.94 -36.05 -32.31
C LYS A 532 -37.48 -37.30 -33.01
N GLU A 533 -36.69 -38.12 -32.31
CA GLU A 533 -36.18 -39.32 -32.93
C GLU A 533 -37.29 -40.36 -33.11
N ALA A 534 -38.19 -40.45 -32.11
CA ALA A 534 -39.31 -41.38 -32.20
C ALA A 534 -40.21 -41.06 -33.41
N GLN A 535 -40.49 -39.77 -33.63
CA GLN A 535 -41.39 -39.34 -34.68
C GLN A 535 -40.81 -39.69 -36.08
N LEU A 536 -39.49 -39.69 -36.19
CA LEU A 536 -38.83 -39.96 -37.46
C LEU A 536 -38.82 -41.42 -37.81
N ILE A 537 -39.13 -42.32 -36.86
CA ILE A 537 -39.21 -43.72 -37.27
C ILE A 537 -40.50 -44.00 -38.05
N GLN A 538 -40.45 -44.89 -39.04
CA GLN A 538 -41.64 -45.12 -39.85
C GLN A 538 -41.79 -46.52 -40.39
N THR A 539 -40.67 -47.20 -40.54
CA THR A 539 -40.68 -48.63 -40.79
C THR A 539 -41.63 -49.30 -39.79
N ASN A 540 -42.74 -49.79 -40.36
CA ASN A 540 -43.78 -50.47 -39.62
C ASN A 540 -43.68 -51.98 -39.76
N PRO B 1 20.31 50.83 23.55
CA PRO B 1 19.16 50.80 22.63
C PRO B 1 18.45 52.18 22.62
N LEU B 2 19.00 53.09 21.80
CA LEU B 2 18.70 54.51 21.91
C LEU B 2 17.49 54.92 21.08
N HIS B 3 17.47 54.45 19.84
CA HIS B 3 16.39 54.83 18.94
C HIS B 3 15.06 54.28 19.44
N SER B 5 11.60 52.28 19.22
CA SER B 5 11.19 51.16 18.35
C SER B 5 9.85 51.42 17.68
N ILE B 6 9.82 51.07 16.40
CA ILE B 6 8.61 50.94 15.62
C ILE B 6 7.49 50.12 16.27
N SER B 7 7.84 49.08 17.03
CA SER B 7 6.83 48.31 17.78
C SER B 7 6.04 49.10 18.87
N ASN B 8 6.63 50.14 19.45
CA ASN B 8 5.87 50.99 20.43
C ASN B 8 5.30 52.25 19.83
N PHE B 9 5.30 52.37 18.50
CA PHE B 9 4.90 53.59 17.82
C PHE B 9 3.74 53.35 16.83
N GLN B 10 2.53 53.57 17.30
CA GLN B 10 1.33 53.45 16.45
C GLN B 10 1.32 52.08 15.75
N PHE B 11 1.77 51.06 16.46
CA PHE B 11 1.96 49.71 15.87
C PHE B 11 0.65 48.87 15.90
N PRO B 12 0.24 48.32 14.75
CA PRO B 12 -1.15 47.86 14.62
C PRO B 12 -1.43 46.61 15.44
N TYR B 13 -0.39 46.04 16.04
CA TYR B 13 -0.49 44.72 16.64
C TYR B 13 0.00 44.71 18.06
N THR B 14 -0.72 43.97 18.87
CA THR B 14 -0.27 43.67 20.18
C THR B 14 0.54 42.39 20.14
N ILE B 15 1.55 42.31 21.00
CA ILE B 15 2.48 41.20 20.97
C ILE B 15 2.64 40.62 22.36
N GLU B 16 2.43 39.33 22.49
CA GLU B 16 2.56 38.68 23.80
C GLU B 16 4.03 38.78 24.30
N GLU B 17 4.25 38.54 25.57
CA GLU B 17 5.56 38.77 26.17
C GLU B 17 6.61 37.75 25.76
N THR B 18 6.23 36.47 25.73
CA THR B 18 7.18 35.39 25.56
C THR B 18 6.96 34.64 24.25
N ALA B 19 8.07 34.41 23.51
CA ALA B 19 8.05 33.64 22.26
C ALA B 19 7.53 32.27 22.60
N ILE B 20 6.66 31.75 21.76
CA ILE B 20 6.23 30.37 21.92
C ILE B 20 7.31 29.52 21.24
N THR B 21 8.00 30.09 20.25
CA THR B 21 9.07 29.39 19.56
C THR B 21 10.21 30.33 19.10
N GLU B 22 11.42 29.79 19.06
CA GLU B 22 12.60 30.54 18.65
C GLU B 22 13.52 29.67 17.81
N THR B 23 14.11 30.23 16.76
CA THR B 23 15.14 29.57 15.98
C THR B 23 16.28 30.54 15.96
N ALA B 24 17.34 30.24 15.21
CA ALA B 24 18.51 31.11 15.19
C ALA B 24 18.24 32.45 14.51
N LEU B 25 17.10 32.55 13.84
CA LEU B 25 16.89 33.65 12.92
C LEU B 25 15.63 34.41 13.30
N TRP B 26 14.68 33.70 13.93
CA TRP B 26 13.38 34.28 14.29
C TRP B 26 12.89 33.98 15.67
N GLN B 27 12.15 34.90 16.26
CA GLN B 27 11.30 34.45 17.37
C GLN B 27 9.87 34.47 16.94
N CYS B 28 9.09 33.54 17.47
CA CYS B 28 7.68 33.47 17.03
C CYS B 28 6.74 33.76 18.20
N PHE B 29 5.95 34.85 18.08
CA PHE B 29 5.06 35.27 19.18
C PHE B 29 3.61 35.14 18.77
N ASP B 30 2.73 34.77 19.72
CA ASP B 30 1.31 35.09 19.55
C ASP B 30 1.09 36.60 19.69
N GLY B 31 0.14 37.09 18.89
CA GLY B 31 -0.23 38.51 18.88
C GLY B 31 -1.69 38.69 18.49
N THR B 32 -2.13 39.95 18.41
CA THR B 32 -3.51 40.26 18.11
C THR B 32 -3.47 41.55 17.30
N ARG B 33 -4.26 41.59 16.23
CA ARG B 33 -4.52 42.83 15.51
C ARG B 33 -5.43 43.75 16.33
N LYS B 34 -4.92 44.93 16.70
CA LYS B 34 -5.66 45.79 17.67
C LYS B 34 -7.06 46.17 17.20
N ALA B 35 -7.13 46.65 15.98
CA ALA B 35 -8.36 47.18 15.44
C ALA B 35 -9.50 46.13 15.37
N ASP B 36 -9.15 44.84 15.55
CA ASP B 36 -9.95 43.71 15.04
C ASP B 36 -10.12 42.74 16.16
N SER B 37 -9.21 42.81 17.11
CA SER B 37 -8.78 41.65 17.88
C SER B 37 -8.51 40.36 17.10
N LEU B 38 -8.12 40.49 15.83
CA LEU B 38 -7.83 39.27 15.04
C LEU B 38 -6.57 38.56 15.63
N PRO B 39 -6.67 37.27 16.01
CA PRO B 39 -5.42 36.59 16.44
C PRO B 39 -4.41 36.50 15.30
N VAL B 40 -3.15 36.75 15.62
CA VAL B 40 -2.11 36.92 14.62
C VAL B 40 -0.83 36.22 15.08
N THR B 41 0.09 35.94 14.17
CA THR B 41 1.36 35.41 14.62
C THR B 41 2.38 36.40 14.20
N VAL B 42 3.31 36.73 15.09
CA VAL B 42 4.33 37.76 14.81
C VAL B 42 5.69 37.06 14.81
N PHE B 43 6.37 37.12 13.66
CA PHE B 43 7.71 36.62 13.51
C PHE B 43 8.69 37.78 13.58
N LYS B 44 9.53 37.74 14.60
CA LYS B 44 10.43 38.85 14.81
C LYS B 44 11.86 38.43 14.55
N ALA B 45 12.54 39.17 13.70
CA ALA B 45 13.89 38.79 13.29
C ALA B 45 14.90 39.15 14.33
N LYS B 46 15.80 38.20 14.59
CA LYS B 46 17.02 38.44 15.35
C LYS B 46 18.10 38.97 14.38
N ARG B 47 17.90 40.19 13.94
CA ARG B 47 18.59 40.76 12.80
C ARG B 47 19.95 41.34 13.22
N SER B 48 20.98 40.99 12.45
CA SER B 48 22.35 41.38 12.79
C SER B 48 23.07 41.42 11.49
N PRO B 49 24.23 42.07 11.48
CA PRO B 49 25.05 42.12 10.26
C PRO B 49 25.23 40.76 9.53
N GLU B 50 25.39 39.67 10.25
CA GLU B 50 25.71 38.39 9.60
C GLU B 50 24.50 37.72 8.89
N ASN B 51 23.29 38.05 9.31
CA ASN B 51 22.11 37.49 8.70
C ASN B 51 21.21 38.52 8.01
N GLU B 52 21.80 39.64 7.65
CA GLU B 52 21.05 40.78 7.24
C GLU B 52 20.33 40.55 5.93
N SER B 53 21.03 40.02 4.93
CA SER B 53 20.41 39.78 3.60
C SER B 53 19.37 38.65 3.68
N LEU B 54 19.63 37.64 4.51
CA LEU B 54 18.65 36.57 4.73
C LEU B 54 17.31 37.10 5.24
N ILE B 55 17.34 37.89 6.31
CA ILE B 55 16.17 38.47 6.97
C ILE B 55 15.42 39.32 5.96
N LEU B 56 16.13 40.25 5.31
CA LEU B 56 15.58 41.12 4.27
C LEU B 56 14.94 40.40 3.06
N ASN B 57 15.52 39.26 2.67
CA ASN B 57 14.96 38.47 1.56
C ASN B 57 13.65 37.81 1.99
N ALA B 58 13.63 37.22 3.21
CA ALA B 58 12.41 36.72 3.81
C ALA B 58 11.25 37.75 3.84
N VAL B 59 11.54 38.94 4.32
CA VAL B 59 10.49 39.96 4.44
C VAL B 59 9.98 40.24 3.03
N HIS B 60 10.90 40.43 2.09
CA HIS B 60 10.49 40.86 0.78
C HIS B 60 9.69 39.80 0.03
N LYS B 61 10.16 38.56 0.08
CA LYS B 61 9.41 37.48 -0.63
C LYS B 61 8.07 37.28 0.07
N SER B 62 8.03 37.59 1.35
CA SER B 62 6.81 37.54 2.15
C SER B 62 5.79 38.54 1.61
N LYS B 63 6.22 39.78 1.35
CA LYS B 63 5.37 40.81 0.74
C LYS B 63 4.85 40.30 -0.59
N ILE B 64 5.71 39.72 -1.42
CA ILE B 64 5.33 39.55 -2.82
C ILE B 64 4.79 38.18 -3.23
N LEU B 65 5.06 37.12 -2.47
CA LEU B 65 4.62 35.78 -2.90
C LEU B 65 3.25 35.48 -2.34
N LYS B 66 2.22 35.38 -3.20
CA LYS B 66 0.90 34.95 -2.76
C LYS B 66 0.71 33.48 -3.02
N ILE B 67 1.39 32.66 -2.21
CA ILE B 67 1.39 31.22 -2.47
C ILE B 67 0.50 30.56 -1.41
N PRO B 68 -0.58 29.90 -1.84
CA PRO B 68 -1.44 29.24 -0.86
C PRO B 68 -0.61 28.08 -0.26
N GLY B 69 -0.77 27.79 1.02
CA GLY B 69 0.18 26.88 1.69
C GLY B 69 1.35 27.53 2.43
N LEU B 70 1.66 28.79 2.10
CA LEU B 70 2.62 29.54 2.95
C LEU B 70 1.86 30.14 4.14
N CYS B 71 2.50 30.37 5.28
CA CYS B 71 1.80 31.20 6.32
C CYS B 71 1.30 32.51 5.66
N THR B 72 0.00 32.80 5.75
CA THR B 72 -0.60 33.93 5.06
C THR B 72 -0.10 35.23 5.67
N VAL B 73 0.69 35.94 4.89
CA VAL B 73 1.23 37.21 5.37
C VAL B 73 0.19 38.35 5.32
N LEU B 74 0.11 39.07 6.46
CA LEU B 74 -0.74 40.20 6.62
C LEU B 74 0.05 41.49 6.50
N GLU B 75 1.24 41.54 7.09
CA GLU B 75 2.00 42.78 7.03
C GLU B 75 3.46 42.51 7.37
N THR B 76 4.36 43.30 6.79
CA THR B 76 5.78 43.20 7.10
C THR B 76 6.34 44.55 7.60
N PHE B 77 7.36 44.51 8.46
CA PHE B 77 8.10 45.73 8.90
C PHE B 77 9.60 45.44 8.89
N ASP B 78 10.39 46.28 8.25
CA ASP B 78 11.83 46.08 8.16
C ASP B 78 12.60 47.42 8.31
N SER B 79 11.92 48.48 8.71
CA SER B 79 12.62 49.76 8.76
C SER B 79 13.56 49.82 9.98
N ASP B 80 13.15 49.18 11.07
CA ASP B 80 13.88 49.26 12.32
C ASP B 80 14.36 47.87 12.69
N PRO B 81 15.68 47.68 12.81
CA PRO B 81 16.25 46.32 12.98
C PRO B 81 15.90 45.66 14.27
N GLN B 82 15.37 46.43 15.21
CA GLN B 82 14.87 45.91 16.48
C GLN B 82 13.38 45.57 16.38
N SER B 83 12.75 46.00 15.28
CA SER B 83 11.32 45.84 15.08
C SER B 83 11.09 45.32 13.67
N THR B 84 11.87 44.33 13.26
CA THR B 84 11.70 43.74 11.93
C THR B 84 10.79 42.56 12.07
N PHE B 85 9.59 42.66 11.48
CA PHE B 85 8.56 41.63 11.73
C PHE B 85 7.93 41.10 10.43
N ILE B 86 7.60 39.82 10.44
CA ILE B 86 6.67 39.29 9.46
C ILE B 86 5.42 38.90 10.28
N VAL B 87 4.30 39.60 9.99
CA VAL B 87 3.01 39.30 10.65
C VAL B 87 2.12 38.41 9.79
N THR B 88 1.69 37.28 10.33
CA THR B 88 0.86 36.37 9.53
C THR B 88 -0.44 36.06 10.27
N GLU B 89 -1.30 35.31 9.62
CA GLU B 89 -2.42 34.71 10.33
C GLU B 89 -1.88 33.81 11.41
N ARG B 90 -2.70 33.63 12.44
CA ARG B 90 -2.25 32.96 13.62
C ARG B 90 -1.88 31.51 13.25
N VAL B 91 -0.66 31.13 13.53
CA VAL B 91 -0.23 29.77 13.27
C VAL B 91 0.41 29.19 14.53
N VAL B 92 0.49 27.87 14.57
CA VAL B 92 1.19 27.16 15.62
C VAL B 92 2.32 26.25 15.07
N PRO B 93 3.47 26.34 15.73
CA PRO B 93 4.63 25.54 15.32
C PRO B 93 4.27 24.05 15.25
N PHE B 94 4.71 23.34 14.25
CA PHE B 94 4.41 21.90 14.22
C PHE B 94 4.96 21.25 15.52
N PRO B 95 4.11 20.54 16.25
CA PRO B 95 4.50 20.02 17.55
C PRO B 95 5.35 18.78 17.40
N TRP B 96 6.59 18.96 16.96
CA TRP B 96 7.52 17.85 16.87
C TRP B 96 7.50 16.94 18.09
N ASP B 97 7.40 17.53 19.28
CA ASP B 97 7.30 16.76 20.52
C ASP B 97 6.10 15.83 20.70
N ASN B 98 5.04 15.98 19.92
CA ASN B 98 3.95 15.03 19.99
C ASN B 98 3.85 14.17 18.74
N LEU B 99 4.96 14.05 18.01
CA LEU B 99 5.02 13.27 16.78
C LEU B 99 4.64 11.81 17.01
N GLY B 100 5.10 11.24 18.12
CA GLY B 100 4.71 9.86 18.45
C GLY B 100 3.21 9.63 18.46
N SER B 101 2.50 10.57 19.05
CA SER B 101 1.05 10.50 19.08
C SER B 101 0.44 10.78 17.68
N LEU B 102 0.90 11.82 16.95
CA LEU B 102 0.36 12.05 15.60
C LEU B 102 0.62 10.87 14.63
N SER B 103 1.77 10.19 14.81
CA SER B 103 2.20 9.03 14.01
C SER B 103 1.25 7.89 14.13
N GLN B 104 0.44 7.89 15.16
CA GLN B 104 -0.66 6.93 15.33
C GLN B 104 -1.76 7.06 14.30
N ASN B 105 -1.88 8.21 13.67
CA ASN B 105 -2.79 8.29 12.54
C ASN B 105 -2.00 8.49 11.27
N LYS B 106 -1.69 7.38 10.60
CA LYS B 106 -0.87 7.46 9.37
C LYS B 106 -1.57 8.29 8.29
N PHE B 107 -2.88 8.24 8.20
CA PHE B 107 -3.63 9.00 7.23
C PHE B 107 -3.42 10.47 7.48
N GLY B 108 -3.45 10.85 8.76
CA GLY B 108 -3.12 12.20 9.22
C GLY B 108 -1.79 12.80 8.80
N VAL B 109 -0.73 12.01 8.95
CA VAL B 109 0.60 12.44 8.57
C VAL B 109 0.72 12.46 7.03
N GLU B 110 0.23 11.44 6.36
CA GLU B 110 0.14 11.52 4.88
C GLU B 110 -0.68 12.74 4.36
N LEU B 111 -1.81 13.05 4.97
CA LEU B 111 -2.59 14.29 4.60
C LEU B 111 -1.72 15.56 4.73
N GLY B 112 -1.00 15.66 5.85
CA GLY B 112 -0.11 16.79 6.09
C GLY B 112 0.95 16.91 5.01
N ILE B 113 1.45 15.76 4.58
CA ILE B 113 2.43 15.72 3.51
C ILE B 113 1.81 16.18 2.20
N SER B 114 0.62 15.71 1.90
CA SER B 114 -0.07 16.17 0.61
C SER B 114 -0.28 17.67 0.59
N GLN B 115 -0.58 18.22 1.75
CA GLN B 115 -0.66 19.66 1.91
C GLN B 115 0.67 20.32 1.57
N LEU B 116 1.76 19.80 2.13
CA LEU B 116 3.05 20.38 1.78
C LEU B 116 3.37 20.27 0.32
N LEU B 117 3.05 19.15 -0.29
CA LEU B 117 3.23 18.93 -1.72
C LEU B 117 2.43 19.93 -2.58
N ALA B 118 1.15 20.16 -2.28
CA ALA B 118 0.39 21.21 -3.03
C ALA B 118 1.15 22.54 -3.02
N THR B 119 1.61 22.97 -1.86
CA THR B 119 2.28 24.27 -1.74
C THR B 119 3.57 24.37 -2.55
N LEU B 120 4.38 23.30 -2.44
CA LEU B 120 5.58 23.12 -3.23
C LEU B 120 5.26 23.08 -4.73
N GLY B 121 4.06 22.66 -5.10
CA GLY B 121 3.71 22.70 -6.59
C GLY B 121 3.59 24.19 -6.99
N PHE B 122 2.96 25.02 -6.13
CA PHE B 122 2.86 26.46 -6.41
C PHE B 122 4.22 27.15 -6.54
N LEU B 123 5.21 26.56 -5.91
CA LEU B 123 6.50 27.17 -5.75
C LEU B 123 7.56 26.62 -6.68
N LYS B 124 7.16 25.75 -7.62
CA LYS B 124 8.13 24.98 -8.41
C LYS B 124 8.99 25.82 -9.34
N ASN B 125 8.64 27.09 -9.51
CA ASN B 125 9.45 27.98 -10.32
C ASN B 125 10.43 28.74 -9.43
N PHE B 126 10.36 28.48 -8.11
CA PHE B 126 11.20 29.12 -7.12
C PHE B 126 12.06 28.05 -6.44
N VAL B 127 13.30 28.41 -6.09
CA VAL B 127 14.04 27.61 -5.16
C VAL B 127 13.69 28.14 -3.79
N LEU B 128 13.37 27.24 -2.86
CA LEU B 128 13.11 27.60 -1.46
C LEU B 128 14.37 27.54 -0.63
N GLY B 129 14.94 26.33 -0.57
CA GLY B 129 16.28 26.12 0.01
C GLY B 129 16.36 25.89 1.50
N THR B 130 15.28 26.18 2.24
CA THR B 130 15.35 26.14 3.70
C THR B 130 14.50 25.04 4.34
N LEU B 131 14.07 24.04 3.58
CA LEU B 131 13.09 23.09 4.09
C LEU B 131 13.66 22.28 5.25
N SER B 132 12.90 22.20 6.35
CA SER B 132 13.41 21.64 7.61
C SER B 132 12.26 21.57 8.60
N LYS B 133 12.56 21.01 9.76
CA LYS B 133 11.61 20.88 10.81
C LYS B 133 11.08 22.24 11.29
N ASP B 134 11.92 23.24 11.26
CA ASP B 134 11.46 24.60 11.59
C ASP B 134 10.57 25.22 10.48
N SER B 135 10.43 24.53 9.36
CA SER B 135 9.58 25.07 8.33
C SER B 135 8.09 24.97 8.57
N VAL B 136 7.69 24.05 9.42
CA VAL B 136 6.31 23.62 9.42
C VAL B 136 5.48 24.21 10.54
N PHE B 137 4.31 24.73 10.15
CA PHE B 137 3.41 25.38 11.08
C PHE B 137 2.03 24.83 10.79
N ILE B 138 1.09 25.10 11.67
CA ILE B 138 -0.29 24.67 11.42
C ILE B 138 -1.25 25.88 11.42
N ASN B 139 -2.14 25.97 10.43
CA ASN B 139 -3.10 27.09 10.46
C ASN B 139 -4.30 26.74 11.31
N ILE B 140 -5.28 27.66 11.47
CA ILE B 140 -6.45 27.37 12.34
C ILE B 140 -7.26 26.19 11.88
N LYS B 141 -7.24 25.93 10.58
CA LYS B 141 -7.97 24.82 10.00
C LYS B 141 -7.16 23.50 10.05
N GLY B 142 -6.07 23.47 10.79
CA GLY B 142 -5.38 22.18 10.85
C GLY B 142 -4.42 21.90 9.72
N GLU B 143 -4.28 22.85 8.81
CA GLU B 143 -3.52 22.64 7.59
C GLU B 143 -2.08 23.03 7.83
N TRP B 144 -1.17 22.31 7.20
CA TRP B 144 0.24 22.54 7.45
C TRP B 144 0.71 23.52 6.47
N VAL B 145 1.36 24.54 6.97
CA VAL B 145 1.78 25.64 6.11
C VAL B 145 3.27 25.87 6.37
N LEU B 146 3.96 26.53 5.45
CA LEU B 146 5.40 26.66 5.45
C LEU B 146 5.87 28.09 5.78
N PHE B 147 6.93 28.18 6.54
CA PHE B 147 7.61 29.43 6.83
C PHE B 147 9.05 29.29 6.39
N GLY B 148 9.69 30.38 5.97
CA GLY B 148 11.17 30.38 5.82
C GLY B 148 11.66 30.76 4.44
N LEU B 149 11.47 32.03 4.13
CA LEU B 149 11.71 32.55 2.77
C LEU B 149 13.08 33.22 2.66
N GLU B 150 14.04 32.80 3.50
CA GLU B 150 15.32 33.53 3.58
C GLU B 150 16.17 33.38 2.33
N LEU B 151 16.02 32.27 1.63
CA LEU B 151 16.84 31.97 0.47
C LEU B 151 16.03 31.98 -0.80
N CYS B 152 14.72 32.10 -0.67
CA CYS B 152 13.79 31.96 -1.80
C CYS B 152 14.18 32.88 -2.92
N SER B 153 14.29 32.33 -4.12
CA SER B 153 14.56 33.10 -5.30
C SER B 153 13.88 32.43 -6.50
N SER B 154 13.48 33.24 -7.46
CA SER B 154 12.94 32.73 -8.71
C SER B 154 14.04 31.93 -9.38
N LYS B 155 13.67 30.92 -10.15
CA LYS B 155 14.70 30.16 -10.85
C LYS B 155 15.21 30.88 -12.08
N GLU B 156 14.42 31.80 -12.62
CA GLU B 156 14.75 32.44 -13.89
C GLU B 156 15.86 33.46 -13.66
N GLY B 157 17.02 33.23 -14.30
CA GLY B 157 18.18 34.12 -14.15
C GLY B 157 19.01 33.94 -12.88
N LEU B 158 18.74 32.87 -12.14
CA LEU B 158 19.38 32.61 -10.84
C LEU B 158 20.76 32.04 -11.11
N SER B 159 21.83 32.49 -10.46
CA SER B 159 23.08 31.78 -10.68
C SER B 159 23.37 30.86 -9.53
N ALA B 160 23.64 29.66 -9.93
CA ALA B 160 23.98 28.60 -9.01
C ALA B 160 25.06 28.97 -8.02
N PHE B 161 26.13 29.63 -8.46
CA PHE B 161 27.22 30.07 -7.54
C PHE B 161 26.73 31.08 -6.48
N GLU B 162 26.03 32.12 -6.92
CA GLU B 162 25.45 33.13 -6.03
C GLU B 162 24.49 32.48 -5.04
N PHE B 163 23.75 31.47 -5.52
CA PHE B 163 22.77 30.83 -4.66
C PHE B 163 23.48 30.05 -3.59
N ALA B 164 24.47 29.24 -4.00
CA ALA B 164 25.22 28.37 -3.11
C ALA B 164 25.96 29.16 -2.02
N SER B 165 26.46 30.34 -2.38
CA SER B 165 27.09 31.23 -1.45
C SER B 165 26.11 31.65 -0.34
N ARG B 166 24.86 31.99 -0.69
CA ARG B 166 23.83 32.26 0.32
C ARG B 166 23.41 31.05 1.09
N ALA B 167 23.23 29.93 0.39
CA ALA B 167 22.78 28.74 1.12
C ALA B 167 23.84 28.34 2.16
N ARG B 168 25.12 28.47 1.82
CA ARG B 168 26.22 28.16 2.74
C ARG B 168 26.06 29.09 3.98
N SER B 169 25.89 30.39 3.74
CA SER B 169 25.74 31.33 4.88
C SER B 169 24.56 30.94 5.77
N TYR B 170 23.46 30.56 5.14
CA TYR B 170 22.28 30.22 5.92
C TYR B 170 22.51 28.95 6.71
N TYR B 171 22.94 27.90 6.02
CA TYR B 171 23.18 26.64 6.73
C TYR B 171 24.22 26.73 7.86
N ASN B 172 25.25 27.52 7.65
CA ASN B 172 26.20 27.88 8.73
C ASN B 172 25.55 28.57 9.91
N ILE B 173 24.75 29.61 9.64
CA ILE B 173 23.93 30.25 10.72
C ILE B 173 23.02 29.28 11.47
N ILE B 174 22.29 28.48 10.72
CA ILE B 174 21.38 27.50 11.29
C ILE B 174 22.15 26.42 12.07
N GLY B 175 23.41 26.20 11.74
CA GLY B 175 24.18 25.11 12.39
C GLY B 175 23.70 23.73 11.98
N SER B 176 23.18 23.64 10.76
CA SER B 176 22.71 22.36 10.21
C SER B 176 23.40 22.13 8.87
N GLN B 177 23.31 20.91 8.38
CA GLN B 177 24.11 20.49 7.20
C GLN B 177 23.47 20.89 5.85
N LEU B 178 24.23 21.55 5.01
CA LEU B 178 23.79 21.92 3.69
C LEU B 178 23.50 20.67 2.89
N PRO B 179 22.28 20.54 2.35
CA PRO B 179 21.99 19.27 1.63
C PRO B 179 22.78 19.21 0.34
N CYS B 180 22.85 20.33 -0.37
CA CYS B 180 23.65 20.42 -1.57
C CYS B 180 23.71 21.90 -1.88
N GLU B 181 24.54 22.26 -2.85
CA GLU B 181 24.65 23.63 -3.30
C GLU B 181 23.89 23.90 -4.60
N ASP B 182 23.26 22.87 -5.13
CA ASP B 182 22.67 22.97 -6.43
C ASP B 182 21.25 23.44 -6.19
N PRO B 183 20.88 24.61 -6.73
CA PRO B 183 19.50 25.08 -6.53
C PRO B 183 18.46 24.21 -7.22
N ASN B 184 18.86 23.43 -8.25
CA ASN B 184 17.91 22.57 -8.95
C ASN B 184 17.51 21.36 -8.11
N THR B 185 18.31 21.01 -7.11
CA THR B 185 18.01 19.80 -6.34
C THR B 185 17.80 20.01 -4.84
N ILE B 186 18.19 21.16 -4.30
CA ILE B 186 18.16 21.37 -2.85
C ILE B 186 16.77 21.16 -2.18
N ASP B 187 15.69 21.59 -2.83
CA ASP B 187 14.32 21.39 -2.30
C ASP B 187 13.90 19.93 -2.23
N SER B 188 14.21 19.15 -3.26
CA SER B 188 13.91 17.70 -3.21
C SER B 188 14.62 17.02 -2.02
N GLY B 190 15.89 18.41 0.64
CA GLY B 190 15.33 18.84 1.91
C GLY B 190 13.98 18.20 2.19
N LEU B 191 13.21 18.00 1.13
CA LEU B 191 11.90 17.42 1.31
C LEU B 191 12.05 15.96 1.70
N GLY B 192 13.01 15.30 1.10
CA GLY B 192 13.32 13.91 1.49
C GLY B 192 13.60 13.83 2.96
N LEU B 193 14.50 14.70 3.42
CA LEU B 193 14.81 14.76 4.81
C LEU B 193 13.63 15.09 5.74
N LEU B 194 12.72 16.02 5.38
CA LEU B 194 11.55 16.32 6.25
C LEU B 194 10.59 15.15 6.34
N ILE B 195 10.32 14.53 5.22
CA ILE B 195 9.37 13.42 5.23
C ILE B 195 9.90 12.25 6.07
N LYS B 196 11.19 11.97 5.96
CA LYS B 196 11.79 10.94 6.85
C LYS B 196 11.75 11.30 8.32
N SER B 197 11.90 12.58 8.66
CA SER B 197 11.62 13.04 10.05
C SER B 197 10.18 12.77 10.42
N LEU B 198 9.25 12.89 9.48
CA LEU B 198 7.84 12.75 9.85
C LEU B 198 7.44 11.29 10.00
N ALA B 200 8.95 7.62 10.28
CA ALA B 200 10.13 6.74 10.53
C ALA B 200 10.17 5.51 9.60
N PRO B 201 11.27 4.74 9.62
CA PRO B 201 11.30 3.66 8.61
C PRO B 201 10.23 2.59 8.79
N SER B 202 9.85 2.29 10.03
CA SER B 202 8.68 1.44 10.28
C SER B 202 7.34 2.09 9.85
N CYS B 203 7.29 3.43 9.83
CA CYS B 203 6.10 4.20 9.42
C CYS B 203 5.98 4.45 7.90
N LEU B 204 7.10 4.44 7.18
CA LEU B 204 7.06 4.93 5.80
C LEU B 204 6.44 3.90 4.89
N PRO B 205 5.37 4.27 4.17
CA PRO B 205 4.68 3.27 3.32
C PRO B 205 5.65 2.62 2.35
N LYS B 206 5.59 1.29 2.24
CA LYS B 206 6.46 0.51 1.34
C LYS B 206 6.51 1.07 -0.06
N ASP B 207 5.34 1.46 -0.56
CA ASP B 207 5.27 2.00 -1.93
C ASP B 207 5.71 3.44 -2.06
N TRP B 208 6.14 4.06 -0.95
CA TRP B 208 6.75 5.36 -1.07
C TRP B 208 8.24 5.31 -0.95
N ILE B 209 8.80 4.16 -0.54
CA ILE B 209 10.25 4.16 -0.16
C ILE B 209 11.19 4.59 -1.26
N VAL B 210 10.98 4.04 -2.45
CA VAL B 210 11.90 4.35 -3.55
C VAL B 210 11.68 5.81 -3.96
N ASN B 211 10.43 6.28 -3.92
CA ASN B 211 10.17 7.70 -4.31
C ASN B 211 10.88 8.65 -3.37
N VAL B 212 10.79 8.35 -2.07
CA VAL B 212 11.42 9.17 -1.07
C VAL B 212 12.97 9.14 -1.17
N ASN B 213 13.60 8.00 -1.51
CA ASN B 213 15.06 7.96 -1.70
C ASN B 213 15.48 8.77 -2.89
N ILE B 215 13.98 11.45 -4.05
CA ILE B 215 14.07 12.91 -3.75
C ILE B 215 15.24 13.22 -2.82
N SER B 216 15.44 12.34 -1.85
CA SER B 216 16.49 12.49 -0.83
C SER B 216 17.84 12.56 -1.53
N ASP B 217 17.94 11.86 -2.67
CA ASP B 217 19.16 11.82 -3.51
C ASP B 217 19.25 12.93 -4.55
N GLY B 218 18.17 13.69 -4.72
CA GLY B 218 18.15 14.78 -5.71
C GLY B 218 17.93 14.31 -7.13
N LYS B 219 17.43 13.09 -7.30
CA LYS B 219 17.33 12.54 -8.66
C LYS B 219 16.04 12.91 -9.39
N ILE B 220 14.99 13.27 -8.65
CA ILE B 220 13.74 13.73 -9.27
C ILE B 220 13.22 15.05 -8.63
N THR B 221 12.43 15.84 -9.35
CA THR B 221 11.88 17.07 -8.80
C THR B 221 10.73 16.71 -7.89
N ILE B 222 10.34 17.64 -7.04
CA ILE B 222 9.23 17.48 -6.14
C ILE B 222 7.94 17.34 -6.97
N GLU B 223 7.83 18.07 -8.06
CA GLU B 223 6.70 17.83 -8.96
C GLU B 223 6.58 16.34 -9.44
N ASN B 224 7.66 15.77 -9.93
CA ASN B 224 7.66 14.34 -10.33
C ASN B 224 7.35 13.45 -9.13
N PHE B 225 7.89 13.81 -7.97
CA PHE B 225 7.64 13.08 -6.73
C PHE B 225 6.16 13.09 -6.39
N ARG B 226 5.56 14.27 -6.38
CA ARG B 226 4.12 14.37 -6.14
C ARG B 226 3.32 13.46 -7.13
N LYS B 227 3.64 13.54 -8.42
CA LYS B 227 2.93 12.70 -9.38
C LYS B 227 3.13 11.22 -9.08
N ARG B 228 4.34 10.82 -8.68
CA ARG B 228 4.54 9.39 -8.33
C ARG B 228 3.60 9.00 -7.23
N LEU B 229 3.59 9.82 -6.19
CA LEU B 229 2.82 9.57 -5.02
C LEU B 229 1.32 9.52 -5.26
N GLU B 230 0.78 10.47 -6.05
CA GLU B 230 -0.68 10.43 -6.37
C GLU B 230 -1.05 9.10 -7.05
N ASN B 231 -0.13 8.47 -7.80
CA ASN B 231 -0.41 7.12 -8.36
C ASN B 231 -0.29 5.95 -7.38
N THR B 232 0.32 6.15 -6.22
CA THR B 232 0.51 5.03 -5.29
C THR B 232 -0.82 4.66 -4.62
N GLU B 233 -0.89 3.42 -4.17
CA GLU B 233 -2.09 2.90 -3.55
C GLU B 233 -2.23 3.50 -2.17
N THR B 234 -1.10 3.76 -1.53
CA THR B 234 -1.15 4.46 -0.26
C THR B 234 -1.92 5.80 -0.46
N TRP B 235 -1.54 6.57 -1.46
CA TRP B 235 -2.17 7.85 -1.62
C TRP B 235 -3.67 7.77 -1.88
N ARG B 236 -4.05 6.94 -2.83
CA ARG B 236 -5.43 6.86 -3.30
C ARG B 236 -6.42 6.22 -2.32
N SER B 237 -5.94 5.34 -1.44
CA SER B 237 -6.80 4.78 -0.41
C SER B 237 -6.72 5.55 0.93
N ASN B 238 -6.06 6.73 0.96
CA ASN B 238 -6.02 7.50 2.21
C ASN B 238 -7.33 8.29 2.24
N PRO B 239 -8.25 7.92 3.16
CA PRO B 239 -9.61 8.52 3.14
C PRO B 239 -9.63 9.99 3.58
N LEU B 240 -8.61 10.47 4.29
CA LEU B 240 -8.62 11.87 4.68
C LEU B 240 -8.16 12.77 3.54
N ILE B 241 -7.32 12.25 2.66
CA ILE B 241 -6.92 13.05 1.50
C ILE B 241 -8.09 13.33 0.60
N ASN B 242 -8.96 12.32 0.42
CA ASN B 242 -10.13 12.49 -0.46
C ASN B 242 -11.22 13.27 0.26
N PHE B 243 -11.39 13.01 1.54
CA PHE B 243 -12.31 13.84 2.24
C PHE B 243 -11.88 15.32 2.32
N TYR B 244 -10.59 15.55 2.48
CA TYR B 244 -10.11 16.91 2.61
C TYR B 244 -10.34 17.70 1.32
N GLN B 245 -10.13 17.01 0.18
CA GLN B 245 -10.43 17.55 -1.13
C GLN B 245 -11.91 18.06 -1.23
N GLU B 246 -12.87 17.24 -0.82
CA GLU B 246 -14.28 17.63 -0.73
C GLU B 246 -14.55 18.82 0.19
N LEU B 247 -14.00 18.74 1.40
CA LEU B 247 -14.16 19.80 2.40
C LEU B 247 -13.61 21.15 1.89
N ARG B 248 -12.49 21.10 1.21
CA ARG B 248 -11.92 22.31 0.63
C ARG B 248 -12.86 22.95 -0.45
N GLU B 249 -13.69 22.14 -1.08
CA GLU B 249 -14.53 22.61 -2.15
C GLU B 249 -15.96 22.73 -1.65
N LEU B 250 -16.18 22.58 -0.35
CA LEU B 250 -17.53 22.65 0.17
C LEU B 250 -18.32 23.88 -0.32
N HIS B 251 -17.71 25.06 -0.31
CA HIS B 251 -18.43 26.30 -0.65
C HIS B 251 -18.63 26.57 -2.11
N ILE B 252 -18.08 25.67 -2.90
CA ILE B 252 -18.23 25.59 -4.34
C ILE B 252 -19.50 24.84 -4.65
N LYS B 253 -20.01 24.11 -3.69
CA LYS B 253 -20.98 23.09 -3.98
C LYS B 253 -22.37 23.61 -3.70
N ASP B 254 -23.36 23.14 -4.46
CA ASP B 254 -24.75 23.46 -4.11
C ASP B 254 -25.21 22.69 -2.82
N PRO B 255 -26.36 23.08 -2.24
CA PRO B 255 -26.72 22.51 -0.93
C PRO B 255 -26.87 20.97 -0.91
N GLN B 256 -27.28 20.36 -2.02
CA GLN B 256 -27.21 18.91 -2.19
C GLN B 256 -25.79 18.33 -2.17
N GLY B 257 -24.85 18.99 -2.87
CA GLY B 257 -23.44 18.55 -2.90
C GLY B 257 -22.82 18.67 -1.50
N LYS B 258 -23.19 19.71 -0.77
CA LYS B 258 -22.65 19.89 0.56
C LYS B 258 -23.12 18.76 1.49
N LEU B 259 -24.38 18.39 1.32
CA LEU B 259 -24.99 17.30 2.02
C LEU B 259 -24.36 15.95 1.67
N VAL B 260 -23.91 15.79 0.43
CA VAL B 260 -23.17 14.57 0.09
C VAL B 260 -21.79 14.51 0.85
N VAL B 261 -21.08 15.63 0.98
CA VAL B 261 -19.81 15.69 1.78
C VAL B 261 -20.06 15.26 3.22
N SER B 263 -22.64 13.46 4.27
CA SER B 263 -22.91 12.01 4.29
C SER B 263 -21.67 11.14 4.20
N ASN B 264 -20.68 11.59 3.42
CA ASN B 264 -19.39 10.90 3.43
C ASN B 264 -18.67 11.00 4.79
N LEU B 265 -18.80 12.18 5.46
CA LEU B 265 -18.22 12.32 6.79
C LEU B 265 -18.83 11.26 7.66
N GLU B 266 -20.15 11.12 7.57
CA GLU B 266 -20.92 10.28 8.44
C GLU B 266 -20.44 8.86 8.34
N ASN B 267 -20.29 8.41 7.10
CA ASN B 267 -19.97 7.05 6.74
C ASN B 267 -18.58 6.72 7.29
N LEU B 268 -17.65 7.63 7.06
CA LEU B 268 -16.29 7.52 7.56
C LEU B 268 -16.24 7.49 9.07
N TYR B 269 -16.98 8.41 9.71
CA TYR B 269 -17.07 8.47 11.15
C TYR B 269 -17.56 7.14 11.71
N LEU B 270 -18.52 6.53 11.02
CA LEU B 270 -19.16 5.30 11.51
C LEU B 270 -18.31 4.04 11.23
N GLU B 271 -17.70 3.97 10.03
CA GLU B 271 -16.88 2.83 9.60
C GLU B 271 -15.42 2.92 10.10
N SER B 272 -14.91 4.13 10.26
CA SER B 272 -13.49 4.36 10.45
C SER B 272 -13.24 5.45 11.45
N ARG B 273 -13.96 5.37 12.56
CA ARG B 273 -13.91 6.34 13.62
C ARG B 273 -12.52 6.82 13.97
N GLU B 274 -11.57 5.86 14.04
CA GLU B 274 -10.21 6.18 14.45
C GLU B 274 -9.51 7.19 13.54
N ILE B 275 -9.92 7.30 12.27
CA ILE B 275 -9.17 8.22 11.41
C ILE B 275 -9.40 9.69 11.79
N PHE B 276 -10.33 9.98 12.69
CA PHE B 276 -10.41 11.32 13.28
C PHE B 276 -9.72 11.53 14.64
N ARG B 277 -9.11 10.50 15.19
CA ARG B 277 -8.29 10.66 16.40
C ARG B 277 -6.83 10.99 16.02
N ASN B 278 -6.13 11.68 16.90
CA ASN B 278 -4.69 11.90 16.73
C ASN B 278 -4.28 12.74 15.52
N LEU B 279 -5.12 13.72 15.18
CA LEU B 279 -4.84 14.64 14.08
C LEU B 279 -4.17 15.89 14.63
N THR B 280 -3.45 16.62 13.78
CA THR B 280 -2.98 17.97 14.07
C THR B 280 -4.25 18.78 14.34
N PRO B 281 -4.32 19.45 15.49
CA PRO B 281 -5.53 20.17 15.86
C PRO B 281 -5.93 21.29 14.87
N GLY B 282 -7.23 21.46 14.70
CA GLY B 282 -7.80 22.53 13.85
C GLY B 282 -8.74 21.99 12.79
N ILE B 284 -10.62 19.28 12.75
CA ILE B 284 -11.92 18.94 13.34
C ILE B 284 -12.57 20.18 13.96
N GLU B 285 -11.82 20.84 14.81
CA GLU B 285 -12.36 21.93 15.61
C GLU B 285 -12.84 23.10 14.76
N ASN B 286 -12.04 23.53 13.80
CA ASN B 286 -12.31 24.78 13.15
C ASN B 286 -12.71 24.66 11.71
N PHE B 287 -12.73 23.42 11.21
CA PHE B 287 -13.17 23.13 9.83
C PHE B 287 -14.41 22.24 9.79
N ILE B 288 -14.22 20.98 10.17
CA ILE B 288 -15.31 20.03 10.19
C ILE B 288 -16.49 20.37 11.12
N ILE B 289 -16.20 20.63 12.40
CA ILE B 289 -17.29 20.96 13.28
C ILE B 289 -18.14 22.16 12.81
N PRO B 290 -17.53 23.32 12.55
CA PRO B 290 -18.35 24.45 12.14
C PRO B 290 -19.15 24.23 10.86
N GLU B 291 -18.61 23.50 9.89
CA GLU B 291 -19.31 23.37 8.65
C GLU B 291 -20.54 22.49 8.83
N LEU B 292 -20.38 21.43 9.64
CA LEU B 292 -21.49 20.52 9.97
C LEU B 292 -22.56 21.26 10.71
N CYS B 293 -22.18 22.03 11.72
CA CYS B 293 -23.16 22.93 12.38
C CYS B 293 -24.01 23.76 11.39
N GLU B 294 -23.42 24.29 10.30
CA GLU B 294 -24.24 25.11 9.38
C GLU B 294 -25.26 24.23 8.72
N ILE B 295 -24.79 23.07 8.27
CA ILE B 295 -25.63 22.17 7.51
C ILE B 295 -26.80 21.76 8.38
N ILE B 296 -26.54 21.45 9.64
CA ILE B 296 -27.60 21.03 10.54
C ILE B 296 -28.63 22.17 10.70
N LYS B 297 -28.16 23.39 10.89
CA LYS B 297 -29.04 24.55 11.07
C LYS B 297 -29.98 24.64 9.89
N LEU B 298 -29.44 24.43 8.69
CA LEU B 298 -30.24 24.32 7.48
C LEU B 298 -31.29 23.22 7.59
N LEU B 299 -30.84 22.02 7.96
CA LEU B 299 -31.73 20.89 8.00
C LEU B 299 -32.88 21.05 9.00
N THR B 301 -34.27 23.97 10.04
CA THR B 301 -35.18 24.95 9.47
C THR B 301 -36.13 24.26 8.48
N GLN B 302 -35.53 23.59 7.48
CA GLN B 302 -36.26 22.86 6.43
C GLN B 302 -37.44 22.04 6.99
N SER B 303 -37.19 21.33 8.09
CA SER B 303 -38.14 20.39 8.67
C SER B 303 -39.26 21.02 9.53
N ILE B 304 -38.99 22.17 10.17
CA ILE B 304 -40.04 22.86 10.97
C ILE B 304 -40.71 24.03 10.23
N SER B 305 -40.13 24.43 9.10
CA SER B 305 -40.76 25.40 8.21
C SER B 305 -41.75 24.66 7.30
N SER B 306 -42.07 23.41 7.67
CA SER B 306 -43.04 22.57 6.95
C SER B 306 -44.34 23.31 6.67
N ALA B 317 -34.04 15.66 3.42
CA ALA B 317 -32.91 14.96 4.05
C ALA B 317 -33.02 15.00 5.57
N SER B 318 -34.27 14.88 6.04
CA SER B 318 -34.63 15.02 7.46
C SER B 318 -34.03 13.91 8.30
N HIS B 319 -33.84 12.76 7.68
CA HIS B 319 -33.29 11.56 8.31
C HIS B 319 -31.83 11.70 8.67
N LYS B 320 -31.16 12.74 8.14
CA LYS B 320 -29.74 13.00 8.44
C LYS B 320 -29.52 13.87 9.68
N LEU B 321 -30.52 14.66 10.03
CA LEU B 321 -30.52 15.46 11.25
C LEU B 321 -29.91 14.79 12.49
N VAL B 322 -30.42 13.62 12.85
CA VAL B 322 -29.97 12.96 14.05
C VAL B 322 -28.49 12.53 13.92
N PRO B 323 -28.15 11.79 12.86
CA PRO B 323 -26.74 11.31 12.77
C PRO B 323 -25.72 12.45 12.71
N PHE B 324 -26.03 13.51 11.94
CA PHE B 324 -25.13 14.67 11.90
C PHE B 324 -24.96 15.28 13.27
N LEU B 325 -26.08 15.41 13.97
CA LEU B 325 -26.02 16.09 15.28
C LEU B 325 -25.32 15.20 16.30
N ALA B 326 -25.47 13.89 16.20
CA ALA B 326 -24.75 13.00 17.13
C ALA B 326 -23.27 13.22 16.88
N ILE B 327 -22.90 13.29 15.60
CA ILE B 327 -21.52 13.60 15.25
C ILE B 327 -20.99 14.89 15.84
N VAL B 328 -21.72 16.01 15.68
CA VAL B 328 -21.25 17.27 16.21
C VAL B 328 -21.14 17.21 17.73
N LEU B 329 -22.14 16.63 18.35
CA LEU B 329 -22.11 16.49 19.81
C LEU B 329 -20.91 15.65 20.19
N ASP B 330 -20.67 14.54 19.51
CA ASP B 330 -19.46 13.75 19.88
C ASP B 330 -18.16 14.55 19.80
N LEU B 331 -17.99 15.31 18.73
CA LEU B 331 -16.70 15.91 18.42
C LEU B 331 -16.39 17.21 19.16
N THR B 332 -17.43 18.02 19.38
CA THR B 332 -17.31 19.18 20.29
C THR B 332 -16.94 18.74 21.66
N SER B 333 -17.62 17.73 22.18
CA SER B 333 -17.29 17.24 23.51
C SER B 333 -15.88 16.60 23.53
N GLU B 334 -15.52 15.82 22.51
CA GLU B 334 -14.21 15.20 22.54
C GLU B 334 -13.04 16.20 22.49
N THR B 335 -13.14 17.19 21.63
CA THR B 335 -12.10 18.15 21.49
C THR B 335 -12.30 19.29 22.47
N ASN B 336 -13.37 19.22 23.28
CA ASN B 336 -13.79 20.36 24.06
C ASN B 336 -13.79 21.69 23.28
N THR B 337 -14.27 21.71 22.06
CA THR B 337 -14.31 23.02 21.44
C THR B 337 -15.71 23.24 20.94
N PHE B 338 -16.19 24.47 21.03
CA PHE B 338 -17.52 24.75 20.56
C PHE B 338 -17.53 25.98 19.69
N PRO B 339 -18.15 25.91 18.51
CA PRO B 339 -18.17 27.04 17.57
C PRO B 339 -19.15 28.10 17.98
N VAL B 340 -18.93 29.30 17.47
CA VAL B 340 -19.80 30.43 17.68
C VAL B 340 -21.17 30.01 17.19
N GLY B 341 -22.21 30.32 17.96
CA GLY B 341 -23.58 29.94 17.59
C GLY B 341 -23.95 28.51 17.94
N PHE B 342 -23.08 27.85 18.67
CA PHE B 342 -23.36 26.51 19.16
C PHE B 342 -24.54 26.54 20.10
N ASN B 343 -24.54 27.57 20.94
CA ASN B 343 -25.65 27.81 21.84
C ASN B 343 -26.97 27.98 21.16
N ASP B 344 -27.00 28.70 20.03
CA ASP B 344 -28.21 28.79 19.22
C ASP B 344 -28.50 27.46 18.52
N LEU B 345 -27.44 26.74 18.15
CA LEU B 345 -27.70 25.48 17.44
C LEU B 345 -28.44 24.55 18.40
N ILE B 346 -28.00 24.48 19.64
CA ILE B 346 -28.63 23.60 20.63
C ILE B 346 -30.02 24.09 21.06
N THR B 347 -30.17 25.37 21.33
CA THR B 347 -31.54 25.93 21.51
C THR B 347 -32.50 25.48 20.39
N GLN B 348 -32.15 25.73 19.13
CA GLN B 348 -33.00 25.33 18.02
C GLN B 348 -33.30 23.84 18.05
N SER B 349 -32.32 23.02 18.44
CA SER B 349 -32.54 21.59 18.51
C SER B 349 -33.59 21.21 19.54
N PHE B 350 -33.55 21.80 20.73
CA PHE B 350 -34.60 21.54 21.71
C PHE B 350 -36.02 22.01 21.30
N LYS B 351 -36.12 23.00 20.42
CA LYS B 351 -37.41 23.42 19.83
C LYS B 351 -38.01 22.39 18.87
N LEU B 352 -37.21 21.47 18.34
CA LEU B 352 -37.77 20.47 17.40
C LEU B 352 -38.73 19.46 18.01
N PRO B 353 -39.79 19.13 17.24
CA PRO B 353 -40.70 18.03 17.56
C PRO B 353 -40.00 16.67 17.60
N ASP B 354 -39.09 16.40 16.67
CA ASP B 354 -38.49 15.08 16.55
C ASP B 354 -38.06 14.48 17.89
N ARG B 355 -38.59 13.30 18.16
CA ARG B 355 -38.34 12.58 19.40
C ARG B 355 -36.90 12.05 19.46
N GLN B 356 -36.46 11.48 18.35
CA GLN B 356 -35.06 11.00 18.26
C GLN B 356 -34.03 12.09 18.62
N VAL B 357 -34.34 13.33 18.27
CA VAL B 357 -33.45 14.43 18.55
C VAL B 357 -33.35 14.65 20.04
N ARG B 358 -34.50 14.67 20.69
CA ARG B 358 -34.55 14.95 22.09
C ARG B 358 -33.81 13.82 22.90
N PHE B 359 -34.09 12.55 22.65
CA PHE B 359 -33.30 11.46 23.26
C PHE B 359 -31.79 11.75 23.16
N LEU B 360 -31.36 12.03 21.92
CA LEU B 360 -30.01 12.45 21.68
C LEU B 360 -29.59 13.60 22.59
N LEU B 361 -30.38 14.68 22.63
CA LEU B 361 -29.97 15.83 23.46
C LEU B 361 -29.92 15.47 24.96
N LEU B 362 -30.84 14.66 25.45
CA LEU B 362 -30.80 14.39 26.88
C LEU B 362 -29.54 13.60 27.20
N ILE B 363 -29.12 12.71 26.33
CA ILE B 363 -27.85 12.02 26.53
C ILE B 363 -26.72 13.01 26.75
N TYR B 364 -26.71 14.14 26.04
CA TYR B 364 -25.58 15.04 26.10
C TYR B 364 -25.80 16.29 26.98
N LEU B 365 -26.99 16.45 27.54
CA LEU B 365 -27.26 17.61 28.44
C LEU B 365 -26.25 17.95 29.49
N PRO B 366 -25.88 16.97 30.35
CA PRO B 366 -24.87 17.26 31.37
C PRO B 366 -23.59 17.81 30.77
N LYS B 367 -23.16 17.32 29.62
CA LYS B 367 -21.92 17.90 29.05
C LYS B 367 -22.23 19.21 28.34
N LEU B 368 -23.50 19.53 28.11
CA LEU B 368 -23.78 20.80 27.43
C LEU B 368 -23.78 21.95 28.42
N ILE B 369 -23.68 21.61 29.70
CA ILE B 369 -23.64 22.59 30.76
C ILE B 369 -22.21 23.04 30.93
N GLY B 370 -21.93 24.29 30.55
CA GLY B 370 -20.58 24.81 30.53
C GLY B 370 -20.43 25.58 29.24
N PRO B 371 -20.36 24.83 28.15
CA PRO B 371 -20.44 25.33 26.79
C PRO B 371 -21.61 26.29 26.65
N LEU B 372 -22.77 25.87 27.14
CA LEU B 372 -23.90 26.76 27.34
C LEU B 372 -23.87 27.21 28.80
N SER B 373 -24.12 28.49 29.07
CA SER B 373 -24.01 28.94 30.44
C SER B 373 -25.26 28.47 31.16
N LYS B 374 -25.16 28.38 32.48
CA LYS B 374 -26.32 28.09 33.36
C LYS B 374 -27.55 28.97 33.12
N SER B 375 -27.32 30.26 32.96
CA SER B 375 -28.43 31.18 32.66
C SER B 375 -29.09 30.78 31.35
N GLU B 376 -28.28 30.49 30.35
CA GLU B 376 -28.80 30.01 29.10
C GLU B 376 -29.50 28.67 29.26
N ILE B 377 -29.02 27.80 30.14
CA ILE B 377 -29.74 26.55 30.32
C ILE B 377 -31.13 26.83 30.87
N SER B 378 -31.14 27.66 31.90
CA SER B 378 -32.32 28.07 32.58
C SER B 378 -33.39 28.67 31.64
N SER B 379 -33.00 29.70 30.89
CA SER B 379 -33.95 30.51 30.14
C SER B 379 -34.12 30.06 28.71
N ARG B 380 -33.20 29.24 28.21
CA ARG B 380 -33.26 28.89 26.80
C ARG B 380 -33.66 27.45 26.53
N ILE B 381 -33.20 26.56 27.42
CA ILE B 381 -33.20 25.10 27.21
C ILE B 381 -34.28 24.51 28.10
N TYR B 382 -34.26 24.81 29.41
CA TYR B 382 -35.19 24.21 30.37
C TYR B 382 -36.65 24.13 29.99
N PRO B 383 -37.24 25.28 29.56
CA PRO B 383 -38.64 25.29 29.15
C PRO B 383 -39.00 24.17 28.11
N HIS B 384 -38.11 23.90 27.18
CA HIS B 384 -38.41 22.83 26.22
C HIS B 384 -38.10 21.50 26.80
N PHE B 385 -36.97 21.41 27.51
CA PHE B 385 -36.58 20.19 28.18
C PHE B 385 -37.70 19.61 29.09
N ILE B 386 -38.15 20.39 30.07
CA ILE B 386 -39.18 19.91 31.01
C ILE B 386 -40.51 19.49 30.35
N GLN B 387 -40.81 20.05 29.19
CA GLN B 387 -41.90 19.53 28.35
C GLN B 387 -41.86 18.03 28.02
N GLY B 388 -40.69 17.42 27.89
CA GLY B 388 -40.64 15.96 27.65
C GLY B 388 -41.38 15.11 28.69
N LEU B 389 -41.55 15.65 29.90
CA LEU B 389 -42.39 15.01 30.94
C LEU B 389 -43.87 14.78 30.50
N THR B 390 -44.30 15.59 29.54
CA THR B 390 -45.67 15.52 29.04
C THR B 390 -45.80 14.84 27.69
N ASP B 391 -44.67 14.51 27.05
CA ASP B 391 -44.69 13.70 25.83
C ASP B 391 -45.48 12.39 25.90
N SER B 392 -46.11 12.04 24.78
CA SER B 392 -46.90 10.83 24.67
C SER B 392 -46.07 9.59 24.84
N ASP B 393 -44.79 9.68 24.54
CA ASP B 393 -43.96 8.51 24.67
C ASP B 393 -43.41 8.39 26.10
N ALA B 394 -43.70 7.26 26.74
CA ALA B 394 -43.29 6.98 28.14
C ALA B 394 -41.79 6.96 28.29
N THR B 395 -41.07 6.49 27.27
CA THR B 395 -39.60 6.32 27.37
C THR B 395 -38.95 7.68 27.49
N LEU B 396 -39.46 8.60 26.66
CA LEU B 396 -39.07 9.97 26.69
C LEU B 396 -39.43 10.67 28.00
N ARG B 397 -40.64 10.43 28.53
CA ARG B 397 -41.01 11.09 29.81
C ARG B 397 -40.01 10.64 30.85
N LEU B 398 -39.75 9.34 30.89
CA LEU B 398 -38.80 8.72 31.81
C LEU B 398 -37.38 9.26 31.64
N GLN B 399 -36.95 9.39 30.40
CA GLN B 399 -35.58 9.85 30.22
C GLN B 399 -35.42 11.28 30.69
N THR B 400 -36.42 12.10 30.39
CA THR B 400 -36.48 13.48 30.89
C THR B 400 -36.44 13.51 32.42
N LEU B 401 -37.24 12.65 33.02
CA LEU B 401 -37.35 12.61 34.47
C LEU B 401 -35.99 12.23 35.11
N LYS B 402 -35.39 11.13 34.66
CA LYS B 402 -34.03 10.74 35.04
C LYS B 402 -32.98 11.82 34.84
N THR B 403 -33.21 12.72 33.91
CA THR B 403 -32.20 13.72 33.61
C THR B 403 -32.31 14.89 34.58
N ILE B 404 -33.36 14.94 35.41
CA ILE B 404 -33.70 16.19 36.15
C ILE B 404 -32.56 16.65 37.04
N PRO B 405 -32.01 15.72 37.86
CA PRO B 405 -30.97 16.02 38.83
C PRO B 405 -29.76 16.65 38.14
N CYS B 406 -29.43 16.20 36.94
CA CYS B 406 -28.26 16.72 36.20
C CYS B 406 -28.45 18.17 35.82
N ILE B 407 -29.69 18.64 35.77
CA ILE B 407 -29.93 20.03 35.40
C ILE B 407 -30.27 21.00 36.55
N VAL B 408 -30.63 20.47 37.72
CA VAL B 408 -31.22 21.34 38.80
C VAL B 408 -30.40 22.58 39.25
N SER B 409 -29.07 22.47 39.15
CA SER B 409 -28.16 23.60 39.47
C SER B 409 -28.31 24.84 38.57
N CYS B 410 -28.69 24.68 37.31
CA CYS B 410 -28.91 25.89 36.45
C CYS B 410 -30.21 26.68 36.73
N LEU B 411 -31.12 26.09 37.50
CA LEU B 411 -32.50 26.59 37.54
C LEU B 411 -32.59 27.81 38.41
N THR B 412 -33.47 28.76 38.03
CA THR B 412 -33.88 29.85 38.93
C THR B 412 -34.62 29.27 40.11
N GLU B 413 -34.65 30.03 41.20
CA GLU B 413 -35.31 29.60 42.43
C GLU B 413 -36.80 29.29 42.19
N ARG B 414 -37.43 30.08 41.34
CA ARG B 414 -38.82 29.85 40.94
C ARG B 414 -39.02 28.52 40.14
N GLN B 415 -38.22 28.29 39.11
CA GLN B 415 -38.22 26.97 38.39
C GLN B 415 -38.08 25.79 39.34
N LEU B 416 -37.19 25.91 40.30
CA LEU B 416 -36.86 24.83 41.17
C LEU B 416 -37.90 24.73 42.28
N ASN B 417 -38.14 25.88 42.94
CA ASN B 417 -38.86 25.93 44.20
C ASN B 417 -40.35 25.97 44.06
N ASN B 418 -40.82 26.53 42.95
CA ASN B 418 -42.26 26.65 42.68
C ASN B 418 -42.71 25.59 41.68
N GLU B 419 -42.17 25.68 40.48
CA GLU B 419 -42.64 24.88 39.34
C GLU B 419 -42.27 23.39 39.32
N LEU B 420 -41.05 23.02 39.69
CA LEU B 420 -40.54 21.61 39.48
C LEU B 420 -41.37 20.58 40.21
N LEU B 421 -41.75 20.90 41.44
CA LEU B 421 -42.56 19.98 42.22
C LEU B 421 -43.96 19.75 41.65
N ARG B 422 -44.50 20.73 40.91
CA ARG B 422 -45.81 20.53 40.28
C ARG B 422 -45.69 19.53 39.17
N PHE B 423 -44.60 19.56 38.41
CA PHE B 423 -44.39 18.58 37.35
C PHE B 423 -44.27 17.20 37.95
N LEU B 424 -43.49 17.08 39.03
CA LEU B 424 -43.20 15.78 39.61
C LEU B 424 -44.42 15.18 40.31
N ALA B 425 -45.35 16.02 40.76
CA ALA B 425 -46.55 15.45 41.41
C ALA B 425 -47.44 14.77 40.35
N LYS B 426 -47.44 15.26 39.12
CA LYS B 426 -48.12 14.54 38.04
C LYS B 426 -47.39 13.25 37.71
N THR B 427 -46.08 13.32 37.47
CA THR B 427 -45.39 12.12 37.04
C THR B 427 -45.50 11.11 38.10
N GLN B 428 -45.80 11.55 39.31
CA GLN B 428 -46.07 10.60 40.37
C GLN B 428 -47.31 9.71 40.15
N VAL B 429 -48.21 10.13 39.28
CA VAL B 429 -49.41 9.38 39.05
C VAL B 429 -49.40 8.98 37.56
N ASP B 430 -48.23 9.03 36.93
CA ASP B 430 -48.13 8.66 35.51
C ASP B 430 -48.67 7.25 35.30
N SER B 431 -49.21 6.96 34.13
CA SER B 431 -49.81 5.62 33.90
C SER B 431 -48.72 4.55 33.82
N ASP B 432 -47.48 4.96 33.60
CA ASP B 432 -46.38 4.03 33.52
C ASP B 432 -45.69 3.87 34.87
N VAL B 433 -45.75 2.67 35.41
CA VAL B 433 -45.10 2.27 36.66
C VAL B 433 -43.64 2.73 36.84
N GLU B 434 -42.82 2.67 35.78
CA GLU B 434 -41.41 3.06 35.89
C GLU B 434 -41.24 4.55 36.14
N ILE B 435 -42.08 5.36 35.55
CA ILE B 435 -42.09 6.81 35.83
C ILE B 435 -42.42 7.06 37.29
N ARG B 436 -43.51 6.46 37.76
CA ARG B 436 -43.92 6.57 39.16
C ARG B 436 -42.82 6.18 40.13
N THR B 437 -42.19 5.03 39.89
CA THR B 437 -41.04 4.54 40.67
C THR B 437 -39.94 5.61 40.68
N TRP B 438 -39.47 5.99 39.48
CA TRP B 438 -38.42 7.04 39.41
C TRP B 438 -38.81 8.41 39.98
N THR B 439 -40.09 8.78 39.96
CA THR B 439 -40.42 10.10 40.46
C THR B 439 -40.10 10.29 41.94
N VAL B 440 -40.49 9.30 42.73
CA VAL B 440 -40.25 9.34 44.15
C VAL B 440 -38.74 9.35 44.46
N ILE B 441 -37.95 8.62 43.65
CA ILE B 441 -36.48 8.60 43.79
C ILE B 441 -35.97 10.01 43.47
N ILE B 442 -36.46 10.60 42.38
CA ILE B 442 -36.03 11.94 42.00
C ILE B 442 -36.40 13.03 43.06
N ILE B 443 -37.51 12.82 43.75
CA ILE B 443 -37.97 13.80 44.70
C ILE B 443 -37.03 13.78 45.93
N SER B 444 -36.62 12.58 46.30
CA SER B 444 -35.63 12.41 47.38
C SER B 444 -34.29 13.05 47.11
N LYS B 445 -33.71 12.82 45.93
CA LYS B 445 -32.48 13.52 45.55
C LYS B 445 -32.67 15.01 45.65
N ILE B 446 -33.76 15.46 45.05
CA ILE B 446 -34.09 16.87 44.89
C ILE B 446 -34.28 17.62 46.21
N SER B 447 -34.76 16.94 47.24
CA SER B 447 -35.35 17.63 48.39
C SER B 447 -34.43 18.64 49.07
N THR B 448 -33.23 18.18 49.41
CA THR B 448 -32.27 19.00 50.13
C THR B 448 -31.84 20.21 49.36
N ILE B 449 -32.21 20.25 48.08
CA ILE B 449 -31.64 21.26 47.20
C ILE B 449 -32.57 22.42 46.89
N LEU B 450 -33.84 22.24 47.21
CA LEU B 450 -34.82 23.31 47.25
C LEU B 450 -34.35 24.43 48.18
N SER B 451 -34.88 25.64 47.98
CA SER B 451 -34.72 26.74 48.96
C SER B 451 -36.05 26.94 49.73
N THR B 452 -36.06 26.37 50.93
CA THR B 452 -37.21 26.28 51.80
C THR B 452 -36.69 25.81 53.13
N SER B 453 -37.58 25.70 54.10
CA SER B 453 -37.19 25.34 55.42
C SER B 453 -37.01 23.83 55.47
N VAL B 454 -36.44 23.38 56.58
CA VAL B 454 -36.29 21.97 56.84
C VAL B 454 -37.71 21.46 57.00
N GLY B 455 -38.55 22.25 57.66
CA GLY B 455 -39.98 21.91 57.83
C GLY B 455 -40.63 21.56 56.51
N ASN B 456 -40.46 22.45 55.55
CA ASN B 456 -41.09 22.30 54.28
C ASN B 456 -40.55 21.08 53.53
N ARG B 457 -39.23 20.89 53.58
CA ARG B 457 -38.61 19.73 52.99
C ARG B 457 -39.22 18.46 53.58
N SER B 458 -39.39 18.42 54.90
CA SER B 458 -40.01 17.25 55.52
C SER B 458 -41.43 16.97 54.97
N ASN B 459 -42.20 18.04 54.76
CA ASN B 459 -43.57 17.94 54.27
C ASN B 459 -43.62 17.40 52.88
N ILE B 460 -42.80 17.95 52.01
CA ILE B 460 -42.65 17.40 50.69
C ILE B 460 -42.28 15.90 50.66
N LEU B 461 -41.22 15.50 51.38
CA LEU B 461 -40.81 14.07 51.44
C LEU B 461 -41.91 13.16 51.97
N ALA B 462 -42.46 13.53 53.15
CA ALA B 462 -43.59 12.78 53.77
C ALA B 462 -44.79 12.62 52.82
N THR B 463 -45.17 13.73 52.19
CA THR B 463 -46.25 13.70 51.25
C THR B 463 -45.88 12.74 50.09
N ALA B 464 -44.70 12.93 49.50
CA ALA B 464 -44.31 12.11 48.36
C ALA B 464 -44.26 10.62 48.68
N PHE B 465 -43.63 10.30 49.79
CA PHE B 465 -43.55 8.91 50.27
C PHE B 465 -44.93 8.36 50.55
N THR B 466 -45.79 9.16 51.18
CA THR B 466 -47.16 8.67 51.42
C THR B 466 -47.88 8.27 50.12
N LYS B 467 -47.88 9.13 49.12
CA LYS B 467 -48.52 8.81 47.86
C LYS B 467 -47.96 7.51 47.25
N SER B 468 -46.64 7.32 47.27
CA SER B 468 -46.00 6.15 46.67
C SER B 468 -46.37 4.84 47.37
N LEU B 469 -46.44 4.89 48.69
CA LEU B 469 -46.76 3.68 49.45
C LEU B 469 -48.22 3.25 49.32
N LYS B 470 -49.06 4.11 48.72
CA LYS B 470 -50.45 3.80 48.34
C LYS B 470 -50.57 3.26 46.93
N ASP B 471 -49.47 3.14 46.19
CA ASP B 471 -49.48 2.76 44.77
C ASP B 471 -50.07 1.36 44.62
N PRO B 472 -50.95 1.15 43.62
CA PRO B 472 -51.40 -0.18 43.21
C PRO B 472 -50.24 -1.07 42.78
N GLN B 473 -49.09 -0.53 42.36
CA GLN B 473 -47.97 -1.43 42.07
C GLN B 473 -46.87 -1.47 43.15
N VAL B 474 -46.20 -2.62 43.24
CA VAL B 474 -45.23 -2.90 44.29
C VAL B 474 -44.00 -1.99 44.12
N LYS B 475 -43.50 -1.92 42.90
CA LYS B 475 -42.28 -1.21 42.61
C LYS B 475 -42.24 0.19 43.21
N PRO B 476 -43.24 1.07 42.95
CA PRO B 476 -43.16 2.39 43.58
C PRO B 476 -43.16 2.35 45.09
N ARG B 477 -43.76 1.31 45.66
CA ARG B 477 -43.90 1.24 47.09
C ARG B 477 -42.56 0.94 47.67
N LEU B 478 -41.84 -0.01 47.07
CA LEU B 478 -40.43 -0.31 47.42
C LEU B 478 -39.53 0.92 47.24
N ALA B 479 -39.74 1.67 46.16
CA ALA B 479 -38.94 2.84 45.96
C ALA B 479 -39.12 3.88 47.10
N ALA B 480 -40.31 3.94 47.68
CA ALA B 480 -40.59 4.89 48.76
C ALA B 480 -39.80 4.46 50.02
N LEU B 481 -39.70 3.15 50.21
CA LEU B 481 -39.01 2.56 51.32
C LEU B 481 -37.54 2.82 51.19
N TYR B 482 -37.02 2.60 50.01
CA TYR B 482 -35.70 3.06 49.68
C TYR B 482 -35.44 4.54 50.00
N GLY B 483 -36.40 5.41 49.65
CA GLY B 483 -36.20 6.87 49.81
C GLY B 483 -36.27 7.21 51.30
N LEU B 484 -37.15 6.53 52.03
CA LEU B 484 -37.19 6.71 53.49
C LEU B 484 -35.91 6.22 54.17
N GLU B 485 -35.31 5.14 53.69
CA GLU B 485 -34.07 4.63 54.28
C GLU B 485 -33.01 5.70 54.13
N LYS B 486 -32.78 6.15 52.90
CA LYS B 486 -31.76 7.16 52.64
C LYS B 486 -32.11 8.53 53.19
N SER B 487 -33.35 8.72 53.62
CA SER B 487 -33.72 10.04 54.08
C SER B 487 -33.65 10.18 55.56
N ILE B 488 -33.30 9.11 56.28
CA ILE B 488 -33.37 9.16 57.73
C ILE B 488 -32.61 10.34 58.34
N GLU B 489 -31.45 10.64 57.78
CA GLU B 489 -30.61 11.69 58.30
C GLU B 489 -31.24 13.05 58.00
N LEU B 490 -32.28 13.06 57.18
CA LEU B 490 -32.99 14.31 56.85
C LEU B 490 -34.12 14.59 57.84
N PHE B 491 -34.38 13.64 58.73
CA PHE B 491 -35.50 13.75 59.61
C PHE B 491 -35.08 13.81 61.06
N ASP B 492 -35.29 14.95 61.76
CA ASP B 492 -34.95 14.98 63.22
C ASP B 492 -35.96 14.17 64.02
N VAL B 493 -35.67 13.96 65.32
CA VAL B 493 -36.56 13.06 66.08
C VAL B 493 -37.95 13.61 66.30
N ASN B 494 -38.07 14.92 66.36
CA ASN B 494 -39.37 15.55 66.53
C ASN B 494 -40.28 15.23 65.32
N THR B 495 -39.71 15.28 64.13
CA THR B 495 -40.43 15.09 62.91
C THR B 495 -40.74 13.62 62.71
N ILE B 496 -39.83 12.76 63.12
CA ILE B 496 -40.08 11.35 63.11
C ILE B 496 -41.24 11.01 64.01
N ALA B 497 -41.27 11.62 65.19
CA ALA B 497 -42.26 11.27 66.23
C ALA B 497 -43.63 11.89 65.91
N ASN B 498 -43.66 13.05 65.27
CA ASN B 498 -44.98 13.65 64.98
C ASN B 498 -45.39 13.43 63.54
N LYS B 499 -44.51 12.83 62.75
CA LYS B 499 -44.90 12.64 61.35
C LYS B 499 -44.47 11.34 60.72
N ILE B 500 -43.17 11.05 60.77
CA ILE B 500 -42.61 10.03 59.87
C ILE B 500 -42.99 8.59 60.22
N LEU B 501 -43.21 8.28 61.47
CA LEU B 501 -43.59 6.91 61.82
C LEU B 501 -44.84 6.47 61.12
N THR B 502 -45.73 7.41 60.94
CA THR B 502 -47.02 7.17 60.38
C THR B 502 -47.05 7.12 58.86
N VAL B 503 -46.00 7.66 58.23
CA VAL B 503 -45.71 7.41 56.81
C VAL B 503 -45.20 5.95 56.66
N ILE B 504 -44.31 5.52 57.54
CA ILE B 504 -43.69 4.18 57.41
C ILE B 504 -44.57 3.03 57.80
N ALA B 505 -45.27 3.14 58.92
CA ALA B 505 -45.94 1.93 59.52
C ALA B 505 -46.98 1.17 58.70
N PRO B 506 -47.82 1.87 57.88
CA PRO B 506 -48.76 1.13 57.02
C PRO B 506 -48.03 0.18 56.06
N GLY B 507 -46.74 0.43 55.80
CA GLY B 507 -45.96 -0.47 54.95
C GLY B 507 -45.86 -1.86 55.62
N LEU B 508 -45.79 -1.89 56.95
CA LEU B 508 -45.72 -3.14 57.68
C LEU B 508 -46.91 -4.02 57.42
N LEU B 509 -47.99 -3.41 56.95
CA LEU B 509 -49.23 -4.12 56.83
C LEU B 509 -49.56 -4.42 55.39
N ASP B 510 -48.63 -4.10 54.51
CA ASP B 510 -48.82 -4.22 53.08
C ASP B 510 -49.22 -5.64 52.56
N LYS B 511 -49.96 -5.69 51.44
CA LYS B 511 -50.32 -6.99 50.83
C LYS B 511 -49.09 -7.78 50.39
N SER B 512 -48.08 -7.06 49.92
CA SER B 512 -46.84 -7.63 49.42
C SER B 512 -45.82 -8.02 50.52
N PRO B 513 -45.36 -9.30 50.51
CA PRO B 513 -44.41 -9.76 51.55
C PRO B 513 -43.10 -9.03 51.49
N ILE B 514 -42.67 -8.66 50.28
CA ILE B 514 -41.42 -7.93 50.18
C ILE B 514 -41.53 -6.52 50.82
N VAL B 515 -42.65 -5.85 50.56
CA VAL B 515 -42.91 -4.53 51.12
C VAL B 515 -42.98 -4.69 52.61
N ARG B 516 -43.71 -5.71 53.07
CA ARG B 516 -43.81 -5.86 54.53
C ARG B 516 -42.44 -6.09 55.17
N GLY B 517 -41.67 -7.01 54.58
CA GLY B 517 -40.33 -7.37 55.13
C GLY B 517 -39.42 -6.14 55.18
N ARG B 518 -39.31 -5.40 54.08
CA ARG B 518 -38.51 -4.17 54.08
C ARG B 518 -39.03 -3.07 55.03
N ALA B 519 -40.35 -2.86 55.11
CA ALA B 519 -40.93 -1.84 56.00
C ALA B 519 -40.62 -2.11 57.47
N LYS B 520 -40.66 -3.38 57.84
CA LYS B 520 -40.27 -3.78 59.19
C LYS B 520 -38.81 -3.36 59.49
N ILE B 521 -37.86 -3.72 58.62
CA ILE B 521 -36.48 -3.27 58.79
C ILE B 521 -36.35 -1.74 58.84
N LEU B 522 -36.97 -1.04 57.89
CA LEU B 522 -36.95 0.43 57.92
C LEU B 522 -37.56 1.00 59.23
N PHE B 523 -38.71 0.46 59.63
CA PHE B 523 -39.39 0.94 60.82
C PHE B 523 -38.57 0.78 62.07
N GLU B 524 -37.92 -0.37 62.21
CA GLU B 524 -37.00 -0.55 63.36
C GLU B 524 -35.86 0.46 63.41
N GLU B 525 -35.27 0.75 62.26
CA GLU B 525 -34.24 1.78 62.21
C GLU B 525 -34.76 3.18 62.71
N TYR B 526 -35.89 3.62 62.20
CA TYR B 526 -36.47 4.87 62.66
C TYR B 526 -36.80 4.85 64.13
N LEU B 527 -37.33 3.71 64.63
CA LEU B 527 -37.66 3.58 66.06
C LEU B 527 -36.43 3.65 67.00
N GLU B 528 -35.32 3.05 66.55
CA GLU B 528 -34.07 3.09 67.30
C GLU B 528 -33.56 4.53 67.40
N LYS B 529 -33.54 5.26 66.27
CA LYS B 529 -33.14 6.66 66.28
C LYS B 529 -33.98 7.46 67.26
N LEU B 530 -35.29 7.40 67.11
CA LEU B 530 -36.22 7.98 68.09
C LEU B 530 -35.97 7.54 69.56
N GLU B 531 -35.91 6.23 69.81
CA GLU B 531 -35.68 5.73 71.17
C GLU B 531 -34.36 6.25 71.71
N LYS B 532 -33.33 6.25 70.87
CA LYS B 532 -31.98 6.60 71.36
C LYS B 532 -31.89 8.08 71.80
N GLU B 533 -32.54 8.96 71.06
CA GLU B 533 -32.64 10.36 71.46
C GLU B 533 -33.51 10.57 72.71
N ALA B 534 -34.60 9.82 72.85
CA ALA B 534 -35.48 10.05 74.00
C ALA B 534 -34.71 9.78 75.28
N GLN B 535 -33.88 8.76 75.23
CA GLN B 535 -33.14 8.25 76.36
C GLN B 535 -32.11 9.28 76.85
N LEU B 536 -31.58 10.07 75.92
CA LEU B 536 -30.61 11.11 76.16
C LEU B 536 -31.18 12.31 76.91
N ILE B 537 -32.49 12.51 76.79
CA ILE B 537 -33.17 13.60 77.52
C ILE B 537 -32.99 13.44 79.03
N GLN B 538 -32.55 14.51 79.68
CA GLN B 538 -32.35 14.54 81.15
C GLN B 538 -33.03 15.75 81.77
N THR B 539 -33.79 16.47 80.94
CA THR B 539 -34.41 17.74 81.33
C THR B 539 -35.30 17.55 82.55
#